data_6YYE
#
_entry.id   6YYE
#
_cell.length_a   113.942
_cell.length_b   126.201
_cell.length_c   225.007
_cell.angle_alpha   90.000
_cell.angle_beta   90.000
_cell.angle_gamma   90.000
#
_symmetry.space_group_name_H-M   'I 2 2 2'
#
loop_
_entity.id
_entity.type
_entity.pdbx_description
1 polymer 'Triggering receptor expressed on myeloid cells 2'
2 polymer 'TREM2 Single chain variable 2'
3 non-polymer 2-acetamido-2-deoxy-beta-D-glucopyranose
#
loop_
_entity_poly.entity_id
_entity_poly.type
_entity_poly.pdbx_seq_one_letter_code
_entity_poly.pdbx_strand_id
1 'polypeptide(L)'
;ETGHNTTVFQGVAGQSLQVSCPYDSMKHWGRRKAWCRQLGEKGPCQRVVSTHNLWLLSFLRRWNGSTAITDDTLGGTLTI
TLRNLQPHDAGLYQCQSLHGSEADTLRKVLVEVLAD
;
A,B
2 'polypeptide(L)'
;SMEVQLLESGGGLVQPGGSLRLSCAASGFTFYSSYMGWVRQAPGKGLEWVSYISSSGSSTYYADSVKGRFTISRDNSKNT
LYLQMNSLRAEDTAVYYCARVGGYYSWGNGIDYWGQGTLVTVSSGGGGSGGGGSGGGGSDIQMTQSPSSLSASVGDRVTI
TCRASQSISSYLNWYQQKPGKAPKLLIYAASSLQSGVPSRFSGSGSGTDFTLTISSLQPEDFATYYCQQYGVYYPFTFGQ
GTKLEIK
;
C,D
#
loop_
_chem_comp.id
_chem_comp.type
_chem_comp.name
_chem_comp.formula
NAG D-saccharide, beta linking 2-acetamido-2-deoxy-beta-D-glucopyranose 'C8 H15 N O6'
#
# COMPACT_ATOMS: atom_id res chain seq x y z
N ASN A 5 -31.86 -6.13 21.08
CA ASN A 5 -30.59 -6.87 21.06
C ASN A 5 -30.75 -8.26 21.69
N THR A 6 -29.65 -9.00 21.74
CA THR A 6 -29.62 -10.33 22.32
C THR A 6 -28.47 -10.44 23.31
N THR A 7 -28.62 -11.34 24.27
CA THR A 7 -27.63 -11.50 25.34
C THR A 7 -26.39 -12.22 24.83
N VAL A 8 -25.23 -11.76 25.29
CA VAL A 8 -23.94 -12.33 24.92
C VAL A 8 -23.46 -13.23 26.05
N PHE A 9 -23.01 -14.43 25.70
CA PHE A 9 -22.53 -15.39 26.68
C PHE A 9 -21.08 -15.74 26.35
N GLN A 10 -20.17 -15.34 27.24
CA GLN A 10 -18.74 -15.51 27.04
C GLN A 10 -18.24 -16.76 27.75
N GLY A 11 -17.30 -17.46 27.11
CA GLY A 11 -16.70 -18.63 27.70
C GLY A 11 -15.23 -18.76 27.34
N VAL A 12 -14.42 -19.16 28.30
CA VAL A 12 -12.99 -19.36 28.05
C VAL A 12 -12.80 -20.74 27.44
N ALA A 13 -12.02 -20.80 26.35
CA ALA A 13 -11.80 -22.06 25.65
C ALA A 13 -11.22 -23.10 26.60
N GLY A 14 -11.68 -24.35 26.45
CA GLY A 14 -11.35 -25.42 27.36
C GLY A 14 -12.21 -25.48 28.61
N GLN A 15 -12.85 -24.39 28.98
CA GLN A 15 -13.74 -24.32 30.13
C GLN A 15 -15.19 -24.53 29.68
N SER A 16 -16.07 -24.66 30.67
CA SER A 16 -17.49 -24.93 30.43
C SER A 16 -18.31 -23.64 30.53
N LEU A 17 -19.37 -23.57 29.73
CA LEU A 17 -20.27 -22.43 29.70
C LEU A 17 -21.70 -22.93 29.89
N GLN A 18 -22.40 -22.35 30.87
CA GLN A 18 -23.77 -22.73 31.18
C GLN A 18 -24.71 -21.59 30.77
N VAL A 19 -25.49 -21.83 29.73
CA VAL A 19 -26.46 -20.86 29.20
C VAL A 19 -27.83 -21.20 29.77
N SER A 20 -28.55 -20.17 30.20
CA SER A 20 -29.89 -20.33 30.77
C SER A 20 -30.93 -19.77 29.82
N CYS A 21 -32.07 -20.46 29.74
CA CYS A 21 -33.20 -20.05 28.91
C CYS A 21 -34.48 -20.29 29.70
N PRO A 22 -34.94 -19.28 30.44
CA PRO A 22 -36.23 -19.42 31.12
C PRO A 22 -37.38 -19.32 30.13
N TYR A 23 -38.42 -20.10 30.39
CA TYR A 23 -39.60 -20.10 29.55
C TYR A 23 -40.84 -20.32 30.41
N ASP A 24 -41.99 -19.96 29.85
CA ASP A 24 -43.27 -20.22 30.51
C ASP A 24 -43.49 -21.73 30.60
N SER A 25 -43.45 -22.27 31.82
CA SER A 25 -43.60 -23.70 32.01
C SER A 25 -44.97 -24.22 31.60
N MET A 26 -45.98 -23.35 31.59
CA MET A 26 -47.34 -23.73 31.27
C MET A 26 -47.67 -23.54 29.79
N LYS A 27 -47.14 -22.47 29.19
CA LYS A 27 -47.35 -22.24 27.76
C LYS A 27 -46.69 -23.33 26.93
N HIS A 28 -45.52 -23.81 27.38
CA HIS A 28 -44.78 -24.85 26.67
C HIS A 28 -44.88 -26.20 27.37
N TRP A 29 -45.85 -26.36 28.27
CA TRP A 29 -46.00 -27.62 28.99
C TRP A 29 -46.29 -28.77 28.02
N GLY A 30 -45.49 -29.83 28.13
CA GLY A 30 -45.62 -30.97 27.25
C GLY A 30 -44.85 -30.86 25.96
N ARG A 31 -44.12 -29.78 25.75
CA ARG A 31 -43.35 -29.57 24.53
C ARG A 31 -41.87 -29.75 24.81
N ARG A 32 -41.18 -30.52 23.98
CA ARG A 32 -39.75 -30.69 24.14
C ARG A 32 -39.01 -29.44 23.68
N LYS A 33 -37.75 -29.33 24.11
CA LYS A 33 -36.92 -28.18 23.81
C LYS A 33 -35.72 -28.60 22.98
N ALA A 34 -35.12 -27.60 22.33
CA ALA A 34 -33.97 -27.83 21.47
C ALA A 34 -33.04 -26.62 21.53
N TRP A 35 -31.79 -26.83 21.12
CA TRP A 35 -30.77 -25.81 21.12
C TRP A 35 -30.04 -25.92 19.79
N CYS A 36 -30.19 -24.89 18.94
CA CYS A 36 -29.71 -24.95 17.56
C CYS A 36 -28.83 -23.74 17.25
N ARG A 37 -28.17 -23.82 16.10
CA ARG A 37 -27.16 -22.85 15.68
C ARG A 37 -27.69 -22.05 14.49
N GLN A 38 -27.73 -20.73 14.64
CA GLN A 38 -28.22 -19.85 13.58
C GLN A 38 -27.14 -19.67 12.52
N LEU A 39 -27.48 -19.96 11.27
CA LEU A 39 -26.52 -19.90 10.18
C LEU A 39 -26.63 -18.62 9.36
N GLY A 40 -27.50 -17.70 9.74
CA GLY A 40 -27.65 -16.46 8.99
C GLY A 40 -28.87 -15.70 9.47
N GLU A 41 -29.03 -14.50 8.93
CA GLU A 41 -30.19 -13.68 9.27
C GLU A 41 -31.47 -14.38 8.88
N LYS A 42 -31.55 -14.86 7.64
CA LYS A 42 -32.68 -15.65 7.18
C LYS A 42 -32.35 -17.14 7.07
N GLY A 43 -31.11 -17.51 7.37
CA GLY A 43 -30.69 -18.89 7.28
C GLY A 43 -31.39 -19.78 8.30
N PRO A 44 -31.29 -21.09 8.11
CA PRO A 44 -31.95 -22.02 9.01
C PRO A 44 -31.19 -22.17 10.32
N CYS A 45 -31.89 -22.72 11.32
CA CYS A 45 -31.29 -23.01 12.61
C CYS A 45 -30.98 -24.51 12.65
N GLN A 46 -29.71 -24.84 12.57
CA GLN A 46 -29.26 -26.23 12.53
C GLN A 46 -29.23 -26.81 13.94
N ARG A 47 -29.99 -27.89 14.16
CA ARG A 47 -30.14 -28.43 15.51
C ARG A 47 -28.81 -28.92 16.04
N VAL A 48 -28.54 -28.60 17.31
CA VAL A 48 -27.33 -29.06 17.97
C VAL A 48 -27.71 -30.13 18.99
N VAL A 49 -28.59 -29.79 19.93
CA VAL A 49 -29.05 -30.75 20.91
C VAL A 49 -30.55 -30.64 21.09
N SER A 50 -31.13 -31.68 21.67
CA SER A 50 -32.56 -31.73 21.97
C SER A 50 -32.72 -32.45 23.30
N THR A 51 -33.70 -32.02 24.09
CA THR A 51 -34.02 -32.70 25.33
C THR A 51 -34.43 -34.14 25.05
N HIS A 52 -34.35 -34.97 26.10
CA HIS A 52 -34.71 -36.37 25.95
C HIS A 52 -36.13 -36.50 25.42
N ASN A 53 -36.35 -37.57 24.65
CA ASN A 53 -37.65 -37.75 23.98
C ASN A 53 -38.79 -37.77 24.99
N LEU A 54 -38.67 -38.61 26.01
CA LEU A 54 -39.65 -38.63 27.09
C LEU A 54 -39.64 -37.29 27.81
N TRP A 55 -40.84 -36.70 27.98
CA TRP A 55 -40.94 -35.40 28.62
C TRP A 55 -40.57 -35.46 30.10
N LEU A 56 -40.67 -36.63 30.74
CA LEU A 56 -40.30 -36.73 32.14
C LEU A 56 -38.79 -36.67 32.32
N LEU A 57 -38.04 -37.32 31.44
CA LEU A 57 -36.59 -37.42 31.57
C LEU A 57 -35.87 -36.22 30.97
N SER A 58 -36.57 -35.11 30.75
CA SER A 58 -35.96 -33.92 30.15
C SER A 58 -35.07 -33.15 31.11
N PHE A 59 -35.22 -33.33 32.42
CA PHE A 59 -34.35 -32.67 33.37
C PHE A 59 -32.92 -33.19 33.31
N LEU A 60 -32.72 -34.41 32.81
CA LEU A 60 -31.39 -34.97 32.68
C LEU A 60 -30.65 -34.32 31.51
N ARG A 61 -29.32 -34.45 31.52
CA ARG A 61 -28.46 -33.83 30.52
C ARG A 61 -28.37 -34.75 29.31
N ARG A 62 -29.06 -34.39 28.23
CA ARG A 62 -28.87 -35.07 26.95
C ARG A 62 -27.61 -34.51 26.30
N TRP A 63 -26.68 -35.39 25.95
CA TRP A 63 -25.38 -35.01 25.42
C TRP A 63 -25.33 -35.29 23.92
N ASN A 64 -24.96 -34.27 23.15
CA ASN A 64 -24.62 -34.41 21.74
C ASN A 64 -23.30 -33.68 21.53
N GLY A 65 -22.31 -34.39 20.99
CA GLY A 65 -20.98 -33.83 20.90
C GLY A 65 -20.51 -33.43 22.29
N SER A 66 -20.09 -32.17 22.43
CA SER A 66 -19.74 -31.59 23.71
C SER A 66 -20.78 -30.59 24.20
N THR A 67 -22.06 -30.84 23.92
CA THR A 67 -23.14 -29.96 24.37
C THR A 67 -24.20 -30.78 25.06
N ALA A 68 -24.46 -30.47 26.33
CA ALA A 68 -25.48 -31.11 27.13
C ALA A 68 -26.66 -30.17 27.31
N ILE A 69 -27.84 -30.74 27.50
CA ILE A 69 -29.06 -29.96 27.66
C ILE A 69 -29.92 -30.57 28.76
N THR A 70 -30.31 -29.75 29.74
CA THR A 70 -31.23 -30.12 30.80
C THR A 70 -32.45 -29.21 30.72
N ASP A 71 -33.61 -29.74 31.12
CA ASP A 71 -34.87 -28.99 31.05
C ASP A 71 -35.63 -29.17 32.36
N ASP A 72 -35.43 -28.23 33.30
CA ASP A 72 -36.25 -28.18 34.50
C ASP A 72 -37.69 -27.93 34.08
N THR A 73 -38.51 -28.97 34.16
CA THR A 73 -39.89 -28.91 33.67
C THR A 73 -40.80 -28.16 34.64
N LEU A 74 -40.73 -28.51 35.92
CA LEU A 74 -41.61 -27.89 36.91
C LEU A 74 -41.27 -26.42 37.12
N GLY A 75 -39.98 -26.09 37.18
CA GLY A 75 -39.58 -24.70 37.29
C GLY A 75 -39.56 -23.95 35.98
N GLY A 76 -39.52 -24.66 34.86
CA GLY A 76 -39.48 -24.03 33.55
C GLY A 76 -38.17 -23.32 33.25
N THR A 77 -37.09 -24.09 33.08
CA THR A 77 -35.79 -23.50 32.79
C THR A 77 -34.99 -24.46 31.92
N LEU A 78 -34.52 -24.00 30.77
CA LEU A 78 -33.72 -24.80 29.85
C LEU A 78 -32.25 -24.42 30.03
N THR A 79 -31.46 -25.32 30.61
CA THR A 79 -30.05 -25.08 30.80
C THR A 79 -29.25 -25.84 29.75
N ILE A 80 -28.31 -25.15 29.11
CA ILE A 80 -27.41 -25.77 28.15
C ILE A 80 -25.99 -25.65 28.72
N THR A 81 -25.22 -26.74 28.61
CA THR A 81 -23.88 -26.79 29.17
C THR A 81 -22.92 -27.21 28.06
N LEU A 82 -22.03 -26.30 27.66
CA LEU A 82 -21.02 -26.57 26.65
C LEU A 82 -19.70 -26.78 27.37
N ARG A 83 -19.23 -28.02 27.42
CA ARG A 83 -17.97 -28.35 28.06
C ARG A 83 -16.84 -28.34 27.04
N ASN A 84 -15.65 -27.97 27.51
CA ASN A 84 -14.47 -27.81 26.67
C ASN A 84 -14.80 -26.95 25.44
N LEU A 85 -15.04 -25.68 25.73
CA LEU A 85 -15.39 -24.74 24.67
C LEU A 85 -14.25 -24.60 23.67
N GLN A 86 -14.62 -24.56 22.39
CA GLN A 86 -13.71 -24.45 21.28
C GLN A 86 -14.07 -23.24 20.43
N PRO A 87 -13.12 -22.71 19.65
CA PRO A 87 -13.44 -21.54 18.81
C PRO A 87 -14.56 -21.77 17.82
N HIS A 88 -14.65 -22.97 17.24
CA HIS A 88 -15.74 -23.24 16.31
C HIS A 88 -17.10 -23.32 17.01
N ASP A 89 -17.12 -23.37 18.34
CA ASP A 89 -18.38 -23.29 19.08
C ASP A 89 -18.92 -21.87 19.16
N ALA A 90 -18.15 -20.88 18.70
CA ALA A 90 -18.61 -19.49 18.74
C ALA A 90 -19.63 -19.24 17.64
N GLY A 91 -20.69 -18.53 18.00
CA GLY A 91 -21.75 -18.25 17.06
C GLY A 91 -23.04 -17.89 17.77
N LEU A 92 -24.06 -17.64 16.96
CA LEU A 92 -25.40 -17.34 17.47
C LEU A 92 -26.22 -18.61 17.60
N TYR A 93 -26.97 -18.71 18.69
CA TYR A 93 -27.73 -19.92 18.99
C TYR A 93 -29.13 -19.57 19.42
N GLN A 94 -30.02 -20.55 19.29
CA GLN A 94 -31.43 -20.42 19.63
C GLN A 94 -31.84 -21.51 20.61
N CYS A 95 -32.56 -21.10 21.66
CA CYS A 95 -33.38 -22.00 22.45
C CYS A 95 -34.74 -22.09 21.80
N GLN A 96 -35.25 -23.31 21.62
CA GLN A 96 -36.50 -23.51 20.90
C GLN A 96 -37.42 -24.44 21.67
N SER A 97 -38.71 -24.15 21.60
CA SER A 97 -39.75 -25.07 22.06
C SER A 97 -40.39 -25.71 20.83
N LEU A 98 -40.29 -27.02 20.74
CA LEU A 98 -40.76 -27.76 19.57
C LEU A 98 -42.20 -28.24 19.80
N HIS A 99 -43.08 -27.91 18.87
CA HIS A 99 -44.47 -28.36 18.93
C HIS A 99 -44.93 -28.66 17.52
N GLY A 100 -45.30 -29.91 17.28
CA GLY A 100 -45.76 -30.31 15.96
C GLY A 100 -44.68 -30.08 14.91
N SER A 101 -45.06 -29.41 13.84
CA SER A 101 -44.15 -29.08 12.75
C SER A 101 -43.48 -27.72 12.95
N GLU A 102 -43.57 -27.13 14.14
CA GLU A 102 -43.07 -25.78 14.37
C GLU A 102 -42.14 -25.74 15.58
N ALA A 103 -41.38 -24.65 15.66
CA ALA A 103 -40.46 -24.39 16.76
C ALA A 103 -40.52 -22.91 17.10
N ASP A 104 -40.89 -22.61 18.34
CA ASP A 104 -40.93 -21.22 18.81
C ASP A 104 -39.61 -20.86 19.47
N THR A 105 -39.16 -19.63 19.24
CA THR A 105 -37.85 -19.17 19.70
C THR A 105 -37.99 -18.55 21.09
N LEU A 106 -37.44 -19.24 22.10
CA LEU A 106 -37.48 -18.73 23.47
C LEU A 106 -36.47 -17.61 23.69
N ARG A 107 -35.27 -17.75 23.14
CA ARG A 107 -34.21 -16.79 23.39
C ARG A 107 -33.13 -16.96 22.33
N LYS A 108 -32.57 -15.84 21.87
CA LYS A 108 -31.43 -15.85 20.98
C LYS A 108 -30.19 -15.44 21.76
N VAL A 109 -29.16 -16.26 21.72
CA VAL A 109 -27.96 -16.10 22.54
C VAL A 109 -26.74 -16.12 21.64
N LEU A 110 -25.85 -15.14 21.83
CA LEU A 110 -24.58 -15.12 21.14
C LEU A 110 -23.51 -15.74 22.04
N VAL A 111 -22.89 -16.81 21.56
CA VAL A 111 -21.85 -17.52 22.28
C VAL A 111 -20.50 -17.10 21.72
N GLU A 112 -19.65 -16.53 22.57
CA GLU A 112 -18.31 -16.13 22.20
C GLU A 112 -17.30 -16.88 23.06
N VAL A 113 -16.16 -17.22 22.46
CA VAL A 113 -15.13 -18.02 23.11
C VAL A 113 -13.87 -17.18 23.22
N LEU A 114 -13.29 -17.13 24.42
CA LEU A 114 -12.08 -16.37 24.70
C LEU A 114 -10.89 -17.31 24.86
N ALA A 115 -9.70 -16.76 24.64
CA ALA A 115 -8.47 -17.54 24.83
C ALA A 115 -8.06 -17.51 26.31
N ASP A 116 -6.90 -18.09 26.60
CA ASP A 116 -6.39 -18.13 27.97
C ASP A 116 -5.01 -17.49 28.07
N GLY B 3 22.88 27.67 5.74
CA GLY B 3 22.18 28.73 6.43
C GLY B 3 20.89 29.13 5.75
N HIS B 4 20.60 30.42 5.73
CA HIS B 4 19.40 30.91 5.07
C HIS B 4 19.57 30.85 3.56
N ASN B 5 18.43 30.72 2.87
CA ASN B 5 18.43 30.53 1.43
C ASN B 5 18.96 31.77 0.71
N THR B 6 19.64 31.53 -0.41
CA THR B 6 20.16 32.60 -1.25
C THR B 6 19.03 33.18 -2.10
N THR B 7 19.34 34.29 -2.78
CA THR B 7 18.35 34.95 -3.62
C THR B 7 17.97 34.05 -4.79
N VAL B 8 16.66 33.94 -5.05
CA VAL B 8 16.12 33.08 -6.09
C VAL B 8 15.58 33.96 -7.21
N PHE B 9 15.95 33.64 -8.45
CA PHE B 9 15.46 34.35 -9.63
C PHE B 9 14.50 33.43 -10.36
N GLN B 10 13.21 33.76 -10.30
CA GLN B 10 12.15 32.98 -10.92
C GLN B 10 11.83 33.58 -12.29
N GLY B 11 11.84 32.72 -13.32
CA GLY B 11 11.49 33.15 -14.66
C GLY B 11 10.43 32.24 -15.25
N VAL B 12 9.78 32.74 -16.29
CA VAL B 12 8.73 32.02 -16.98
C VAL B 12 9.32 31.40 -18.24
N ALA B 13 8.99 30.13 -18.49
CA ALA B 13 9.52 29.43 -19.65
C ALA B 13 9.14 30.16 -20.94
N GLY B 14 10.10 30.27 -21.86
CA GLY B 14 9.91 31.00 -23.08
C GLY B 14 10.29 32.47 -23.00
N GLN B 15 10.27 33.05 -21.81
CA GLN B 15 10.67 34.44 -21.63
C GLN B 15 12.15 34.51 -21.28
N SER B 16 12.65 35.73 -21.09
CA SER B 16 14.03 35.97 -20.70
C SER B 16 14.10 36.28 -19.22
N LEU B 17 15.32 36.21 -18.67
CA LEU B 17 15.55 36.47 -17.25
C LEU B 17 16.87 37.21 -17.10
N GLN B 18 16.82 38.34 -16.41
CA GLN B 18 17.99 39.20 -16.20
C GLN B 18 18.45 39.06 -14.75
N VAL B 19 19.64 38.48 -14.56
CA VAL B 19 20.26 38.35 -13.25
C VAL B 19 21.32 39.44 -13.12
N SER B 20 21.25 40.20 -12.05
CA SER B 20 22.16 41.31 -11.80
C SER B 20 23.08 40.97 -10.64
N CYS B 21 24.39 41.02 -10.89
CA CYS B 21 25.40 40.82 -9.86
C CYS B 21 26.18 42.11 -9.69
N PRO B 22 25.83 42.95 -8.71
CA PRO B 22 26.63 44.14 -8.45
C PRO B 22 27.86 43.78 -7.63
N TYR B 23 28.91 44.58 -7.81
CA TYR B 23 30.17 44.30 -7.15
C TYR B 23 30.91 45.60 -6.89
N ASP B 24 31.84 45.54 -5.94
CA ASP B 24 32.78 46.63 -5.72
C ASP B 24 33.58 46.85 -6.99
N SER B 25 33.18 47.86 -7.78
CA SER B 25 33.84 48.11 -9.07
C SER B 25 35.34 48.33 -8.92
N MET B 26 35.77 48.78 -7.75
CA MET B 26 37.18 49.05 -7.49
C MET B 26 37.94 47.82 -7.01
N LYS B 27 37.27 46.95 -6.24
CA LYS B 27 37.95 45.76 -5.72
C LYS B 27 38.24 44.76 -6.83
N HIS B 28 37.27 44.54 -7.72
CA HIS B 28 37.44 43.63 -8.86
C HIS B 28 37.77 44.38 -10.14
N TRP B 29 38.36 45.57 -10.04
CA TRP B 29 38.66 46.36 -11.21
C TRP B 29 39.64 45.64 -12.12
N GLY B 30 39.29 45.54 -13.40
CA GLY B 30 40.12 44.89 -14.38
C GLY B 30 40.08 43.38 -14.36
N ARG B 31 39.37 42.78 -13.42
CA ARG B 31 39.27 41.33 -13.32
C ARG B 31 38.03 40.86 -14.06
N ARG B 32 38.22 40.06 -15.09
CA ARG B 32 37.10 39.56 -15.89
C ARG B 32 36.18 38.69 -15.03
N LYS B 33 34.89 38.77 -15.32
CA LYS B 33 33.89 38.03 -14.56
C LYS B 33 33.38 36.84 -15.37
N ALA B 34 32.72 35.93 -14.68
CA ALA B 34 32.23 34.70 -15.28
C ALA B 34 30.93 34.27 -14.61
N TRP B 35 30.12 33.53 -15.35
CA TRP B 35 28.85 32.98 -14.90
C TRP B 35 28.88 31.49 -15.12
N CYS B 36 28.76 30.72 -14.04
CA CYS B 36 28.93 29.26 -14.08
C CYS B 36 27.82 28.56 -13.33
N ARG B 37 27.78 27.23 -13.47
CA ARG B 37 26.70 26.38 -12.98
C ARG B 37 27.23 25.41 -11.93
N GLN B 38 26.71 25.51 -10.71
CA GLN B 38 27.13 24.62 -9.64
C GLN B 38 26.59 23.22 -9.88
N LEU B 39 27.44 22.21 -9.74
CA LEU B 39 27.06 20.83 -10.00
C LEU B 39 26.93 19.99 -8.73
N GLY B 40 27.22 20.54 -7.57
CA GLY B 40 27.10 19.79 -6.32
C GLY B 40 27.52 20.65 -5.16
N GLU B 41 27.37 20.08 -3.96
CA GLU B 41 27.79 20.78 -2.74
C GLU B 41 29.28 21.09 -2.79
N LYS B 42 30.11 20.09 -3.05
CA LYS B 42 31.52 20.29 -3.29
C LYS B 42 31.88 20.16 -4.77
N GLY B 43 30.88 19.98 -5.63
CA GLY B 43 31.11 19.83 -7.06
C GLY B 43 31.62 21.10 -7.69
N PRO B 44 32.26 20.97 -8.85
CA PRO B 44 32.83 22.14 -9.52
C PRO B 44 31.76 23.00 -10.16
N CYS B 45 32.15 24.23 -10.49
CA CYS B 45 31.28 25.19 -11.16
C CYS B 45 31.65 25.22 -12.64
N GLN B 46 30.78 24.67 -13.48
CA GLN B 46 31.03 24.58 -14.91
C GLN B 46 30.85 25.95 -15.56
N ARG B 47 31.94 26.50 -16.09
CA ARG B 47 31.88 27.84 -16.69
C ARG B 47 30.94 27.85 -17.88
N VAL B 48 29.99 28.80 -17.86
CA VAL B 48 29.03 28.97 -18.95
C VAL B 48 29.45 30.15 -19.81
N VAL B 49 29.59 31.34 -19.22
CA VAL B 49 29.99 32.52 -19.97
C VAL B 49 31.07 33.30 -19.22
N SER B 50 31.81 34.10 -19.98
CA SER B 50 32.86 34.96 -19.45
C SER B 50 32.81 36.31 -20.14
N THR B 51 33.17 37.35 -19.40
CA THR B 51 33.04 38.72 -19.90
C THR B 51 34.06 38.99 -21.00
N HIS B 52 33.58 39.56 -22.12
CA HIS B 52 34.49 40.05 -23.14
C HIS B 52 35.16 41.33 -22.66
N ASN B 53 36.46 41.42 -22.86
CA ASN B 53 37.22 42.56 -22.36
C ASN B 53 37.51 43.55 -23.48
N PHE B 59 31.41 45.87 -22.35
CA PHE B 59 30.20 46.68 -22.25
C PHE B 59 29.04 46.08 -23.04
N LEU B 60 29.38 45.36 -24.12
CA LEU B 60 28.39 44.69 -24.95
C LEU B 60 28.09 43.31 -24.37
N ARG B 61 27.33 42.51 -25.11
CA ARG B 61 26.88 41.20 -24.65
C ARG B 61 27.67 40.11 -25.37
N ARG B 62 28.35 39.26 -24.59
CA ARG B 62 28.94 38.04 -25.11
C ARG B 62 27.92 36.91 -24.96
N TRP B 63 27.62 36.24 -26.06
CA TRP B 63 26.58 35.21 -26.13
C TRP B 63 27.24 33.83 -26.21
N ASN B 64 26.95 32.97 -25.24
CA ASN B 64 27.35 31.56 -25.28
C ASN B 64 26.07 30.75 -25.18
N GLY B 65 25.48 30.45 -26.34
CA GLY B 65 24.19 29.79 -26.37
C GLY B 65 23.06 30.75 -26.11
N SER B 66 22.11 30.35 -25.26
CA SER B 66 20.98 31.20 -24.87
C SER B 66 21.29 32.03 -23.64
N THR B 67 22.54 32.48 -23.49
CA THR B 67 22.95 33.24 -22.31
C THR B 67 23.95 34.32 -22.73
N ALA B 68 23.61 35.58 -22.49
CA ALA B 68 24.48 36.72 -22.78
C ALA B 68 24.97 37.34 -21.48
N ILE B 69 26.14 37.96 -21.55
CA ILE B 69 26.75 38.61 -20.39
C ILE B 69 27.30 39.98 -20.78
N THR B 70 27.03 40.97 -19.94
CA THR B 70 27.61 42.30 -20.06
C THR B 70 28.25 42.68 -18.74
N ASP B 71 29.22 43.60 -18.80
CA ASP B 71 29.98 44.00 -17.62
C ASP B 71 30.12 45.52 -17.62
N ASP B 72 29.16 46.21 -17.00
CA ASP B 72 29.31 47.64 -16.76
C ASP B 72 30.44 47.83 -15.76
N THR B 73 31.64 48.07 -16.27
CA THR B 73 32.82 48.16 -15.39
C THR B 73 32.82 49.47 -14.60
N LEU B 74 32.34 50.55 -15.20
CA LEU B 74 32.29 51.82 -14.48
C LEU B 74 31.23 51.80 -13.39
N GLY B 75 30.03 51.30 -13.71
CA GLY B 75 29.00 51.18 -12.70
C GLY B 75 29.19 50.01 -11.75
N GLY B 76 30.05 49.06 -12.11
CA GLY B 76 30.30 47.90 -11.29
C GLY B 76 29.10 46.97 -11.23
N THR B 77 28.68 46.46 -12.39
CA THR B 77 27.51 45.61 -12.46
C THR B 77 27.68 44.59 -13.57
N LEU B 78 27.64 43.30 -13.23
CA LEU B 78 27.58 42.26 -14.23
C LEU B 78 26.12 41.90 -14.47
N THR B 79 25.74 41.79 -15.74
CA THR B 79 24.36 41.50 -16.12
C THR B 79 24.33 40.25 -16.99
N ILE B 80 23.56 39.25 -16.56
CA ILE B 80 23.38 38.02 -17.29
C ILE B 80 21.95 37.98 -17.80
N THR B 81 21.78 37.71 -19.09
CA THR B 81 20.47 37.65 -19.72
C THR B 81 20.29 36.26 -20.31
N LEU B 82 19.33 35.51 -19.78
CA LEU B 82 19.00 34.18 -20.28
C LEU B 82 17.72 34.30 -21.10
N ARG B 83 17.88 34.30 -22.42
CA ARG B 83 16.74 34.41 -23.32
C ARG B 83 16.13 33.04 -23.58
N ASN B 84 14.81 33.01 -23.74
CA ASN B 84 14.08 31.76 -23.95
C ASN B 84 14.42 30.75 -22.86
N LEU B 85 13.85 30.93 -21.66
CA LEU B 85 14.16 30.03 -20.57
C LEU B 85 13.64 28.63 -20.84
N GLN B 86 14.46 27.63 -20.51
CA GLN B 86 14.11 26.23 -20.67
C GLN B 86 14.22 25.51 -19.33
N PRO B 87 13.41 24.46 -19.11
CA PRO B 87 13.48 23.73 -17.83
C PRO B 87 14.85 23.14 -17.53
N HIS B 88 15.62 22.75 -18.55
CA HIS B 88 16.96 22.25 -18.30
C HIS B 88 17.93 23.36 -17.91
N ASP B 89 17.51 24.63 -17.98
CA ASP B 89 18.31 25.76 -17.53
C ASP B 89 18.10 26.06 -16.05
N ALA B 90 17.20 25.35 -15.38
CA ALA B 90 16.97 25.57 -13.96
C ALA B 90 18.07 24.90 -13.14
N GLY B 91 18.56 25.62 -12.14
CA GLY B 91 19.61 25.10 -11.30
C GLY B 91 20.21 26.19 -10.44
N LEU B 92 21.35 25.86 -9.84
CA LEU B 92 22.10 26.79 -8.98
C LEU B 92 23.31 27.33 -9.76
N TYR B 93 23.54 28.63 -9.63
CA TYR B 93 24.57 29.29 -10.42
C TYR B 93 25.44 30.18 -9.54
N GLN B 94 26.57 30.60 -10.11
CA GLN B 94 27.54 31.45 -9.44
C GLN B 94 28.01 32.56 -10.36
N CYS B 95 27.98 33.79 -9.84
CA CYS B 95 28.77 34.88 -10.37
C CYS B 95 30.17 34.84 -9.79
N GLN B 96 31.18 35.03 -10.63
CA GLN B 96 32.56 34.92 -10.19
C GLN B 96 33.38 36.06 -10.75
N SER B 97 34.29 36.57 -9.93
CA SER B 97 35.35 37.48 -10.36
C SER B 97 36.62 36.67 -10.49
N LEU B 98 37.10 36.51 -11.72
CA LEU B 98 38.28 35.69 -11.96
C LEU B 98 39.56 36.50 -11.73
N HIS B 99 40.56 35.86 -11.13
CA HIS B 99 41.82 36.52 -10.85
C HIS B 99 42.87 35.45 -10.60
N GLY B 100 43.99 35.52 -11.32
CA GLY B 100 45.03 34.53 -11.17
C GLY B 100 44.52 33.15 -11.55
N SER B 101 44.86 32.16 -10.74
CA SER B 101 44.33 30.81 -10.88
C SER B 101 43.08 30.59 -10.04
N GLU B 102 42.46 31.66 -9.55
CA GLU B 102 41.33 31.56 -8.63
C GLU B 102 40.15 32.38 -9.14
N ALA B 103 39.03 32.24 -8.44
CA ALA B 103 37.83 33.01 -8.72
C ALA B 103 37.11 33.27 -7.40
N ASP B 104 36.72 34.51 -7.17
CA ASP B 104 35.96 34.90 -5.99
C ASP B 104 34.47 34.85 -6.29
N THR B 105 33.71 34.22 -5.39
CA THR B 105 32.27 34.07 -5.57
C THR B 105 31.56 35.37 -5.18
N LEU B 106 30.93 36.03 -6.14
CA LEU B 106 30.22 37.28 -5.90
C LEU B 106 28.80 37.04 -5.42
N ARG B 107 28.12 36.02 -5.95
CA ARG B 107 26.73 35.77 -5.59
C ARG B 107 26.39 34.32 -5.92
N LYS B 108 25.52 33.73 -5.09
CA LYS B 108 24.97 32.40 -5.34
C LYS B 108 23.49 32.55 -5.66
N VAL B 109 23.11 32.16 -6.87
CA VAL B 109 21.77 32.41 -7.39
C VAL B 109 21.14 31.08 -7.77
N LEU B 110 19.89 30.88 -7.35
CA LEU B 110 19.10 29.71 -7.73
C LEU B 110 18.11 30.14 -8.80
N VAL B 111 18.24 29.55 -9.99
CA VAL B 111 17.38 29.87 -11.12
C VAL B 111 16.27 28.84 -11.19
N GLU B 112 15.02 29.30 -11.15
CA GLU B 112 13.85 28.44 -11.21
C GLU B 112 12.96 28.86 -12.38
N VAL B 113 12.58 27.89 -13.20
CA VAL B 113 11.78 28.14 -14.39
C VAL B 113 10.36 27.70 -14.11
N LEU B 114 9.40 28.58 -14.37
CA LEU B 114 7.98 28.28 -14.21
C LEU B 114 7.33 28.13 -15.58
N ALA B 115 6.19 27.44 -15.59
CA ALA B 115 5.48 27.17 -16.84
C ALA B 115 4.59 28.33 -17.23
N ASP B 116 3.84 28.17 -18.31
CA ASP B 116 2.96 29.22 -18.81
C ASP B 116 1.50 28.88 -18.58
N GLU C 3 -18.62 -4.46 -4.52
CA GLU C 3 -19.35 -3.81 -3.45
C GLU C 3 -18.55 -3.79 -2.15
N VAL C 4 -18.06 -4.95 -1.74
CA VAL C 4 -17.36 -5.07 -0.47
C VAL C 4 -16.01 -4.36 -0.55
N GLN C 5 -15.74 -3.50 0.42
CA GLN C 5 -14.49 -2.74 0.46
C GLN C 5 -14.09 -2.49 1.91
N LEU C 6 -12.78 -2.53 2.15
CA LEU C 6 -12.19 -2.21 3.44
C LEU C 6 -11.04 -1.24 3.21
N LEU C 7 -11.15 -0.03 3.78
CA LEU C 7 -10.21 1.05 3.54
C LEU C 7 -9.52 1.41 4.85
N GLU C 8 -8.22 1.10 4.94
CA GLU C 8 -7.47 1.45 6.14
C GLU C 8 -7.00 2.90 6.07
N SER C 9 -6.75 3.47 7.23
CA SER C 9 -6.29 4.86 7.33
C SER C 9 -5.50 5.03 8.62
N GLY C 10 -4.46 5.85 8.55
CA GLY C 10 -3.62 6.14 9.70
C GLY C 10 -2.19 5.67 9.57
N GLY C 11 -1.85 4.90 8.54
CA GLY C 11 -0.49 4.44 8.37
C GLY C 11 0.47 5.58 8.08
N GLY C 12 1.74 5.29 8.26
CA GLY C 12 2.77 6.28 8.02
C GLY C 12 3.93 6.06 8.96
N LEU C 13 4.59 7.15 9.30
CA LEU C 13 5.77 7.13 10.15
C LEU C 13 5.41 7.63 11.53
N VAL C 14 5.88 6.93 12.55
CA VAL C 14 5.69 7.34 13.94
C VAL C 14 7.01 7.09 14.66
N GLN C 15 7.44 8.07 15.46
CA GLN C 15 8.67 7.91 16.21
C GLN C 15 8.46 6.93 17.36
N PRO C 16 9.51 6.22 17.77
CA PRO C 16 9.35 5.15 18.75
C PRO C 16 8.83 5.66 20.08
N GLY C 17 8.06 4.81 20.76
CA GLY C 17 7.44 5.13 22.02
C GLY C 17 6.07 5.78 21.89
N GLY C 18 5.81 6.46 20.77
CA GLY C 18 4.55 7.13 20.58
C GLY C 18 3.41 6.19 20.22
N SER C 19 2.21 6.72 20.27
CA SER C 19 0.99 5.99 19.96
C SER C 19 0.54 6.28 18.53
N LEU C 20 -0.34 5.44 18.02
CA LEU C 20 -0.88 5.63 16.67
C LEU C 20 -2.19 4.88 16.55
N ARG C 21 -3.18 5.50 15.91
CA ARG C 21 -4.47 4.88 15.70
C ARG C 21 -4.68 4.53 14.23
N LEU C 22 -5.22 3.35 13.98
CA LEU C 22 -5.54 2.90 12.63
C LEU C 22 -7.04 2.66 12.55
N SER C 23 -7.70 3.35 11.63
CA SER C 23 -9.14 3.24 11.45
C SER C 23 -9.45 2.62 10.10
N CYS C 24 -10.31 1.62 10.09
CA CYS C 24 -10.69 0.89 8.89
C CYS C 24 -12.16 1.11 8.61
N ALA C 25 -12.48 1.62 7.42
CA ALA C 25 -13.85 1.84 6.98
C ALA C 25 -14.34 0.64 6.20
N ALA C 26 -15.52 0.15 6.56
CA ALA C 26 -16.10 -1.06 5.96
C ALA C 26 -17.33 -0.68 5.16
N SER C 27 -17.46 -1.26 3.95
CA SER C 27 -18.59 -0.97 3.10
C SER C 27 -19.01 -2.23 2.34
N GLY C 28 -20.31 -2.37 2.12
CA GLY C 28 -20.83 -3.40 1.24
C GLY C 28 -21.11 -4.74 1.85
N PHE C 29 -21.28 -4.83 3.17
CA PHE C 29 -21.64 -6.10 3.81
C PHE C 29 -22.27 -5.80 5.17
N THR C 30 -22.51 -6.85 5.93
CA THR C 30 -23.12 -6.74 7.26
C THR C 30 -21.99 -6.67 8.30
N PHE C 31 -21.80 -5.49 8.87
CA PHE C 31 -20.68 -5.28 9.78
C PHE C 31 -20.97 -5.89 11.16
N TYR C 32 -22.14 -5.60 11.72
CA TYR C 32 -22.44 -6.00 13.09
C TYR C 32 -22.47 -7.51 13.28
N SER C 33 -22.49 -8.30 12.21
CA SER C 33 -22.58 -9.76 12.34
C SER C 33 -21.23 -10.45 12.22
N SER C 34 -20.26 -9.85 11.56
CA SER C 34 -18.98 -10.50 11.28
C SER C 34 -17.91 -10.09 12.29
N TYR C 35 -17.17 -11.07 12.77
CA TYR C 35 -15.95 -10.77 13.52
C TYR C 35 -14.99 -9.97 12.65
N MET C 36 -14.04 -9.27 13.28
CA MET C 36 -13.09 -8.48 12.51
C MET C 36 -11.69 -8.69 13.05
N GLY C 37 -10.70 -8.20 12.31
CA GLY C 37 -9.33 -8.39 12.77
C GLY C 37 -8.33 -7.54 12.02
N TRP C 38 -7.12 -7.52 12.56
CA TRP C 38 -5.96 -6.90 11.95
C TRP C 38 -4.85 -7.93 11.84
N VAL C 39 -4.26 -8.04 10.65
CA VAL C 39 -3.15 -8.95 10.39
C VAL C 39 -2.02 -8.15 9.75
N ARG C 40 -0.80 -8.39 10.22
CA ARG C 40 0.33 -7.62 9.72
C ARG C 40 1.23 -8.47 8.82
N GLN C 41 2.04 -7.76 8.02
CA GLN C 41 3.03 -8.37 7.14
C GLN C 41 4.24 -7.45 7.15
N ALA C 42 5.32 -7.90 7.78
CA ALA C 42 6.55 -7.11 7.78
C ALA C 42 7.08 -7.00 6.36
N PRO C 43 7.76 -5.90 6.01
CA PRO C 43 8.15 -5.68 4.61
C PRO C 43 9.04 -6.80 4.11
N GLY C 44 8.58 -7.47 3.04
CA GLY C 44 9.29 -8.61 2.50
C GLY C 44 9.36 -9.79 3.44
N LYS C 45 8.37 -9.94 4.32
CA LYS C 45 8.33 -11.03 5.27
C LYS C 45 6.93 -11.65 5.28
N GLY C 46 6.80 -12.76 5.99
CA GLY C 46 5.55 -13.49 6.02
C GLY C 46 4.45 -12.75 6.76
N LEU C 47 3.31 -13.42 6.87
CA LEU C 47 2.16 -12.87 7.57
C LEU C 47 2.30 -13.09 9.08
N GLU C 48 1.50 -12.35 9.84
CA GLU C 48 1.48 -12.46 11.30
C GLU C 48 0.19 -11.83 11.81
N TRP C 49 -0.64 -12.62 12.49
CA TRP C 49 -1.89 -12.09 13.02
C TRP C 49 -1.63 -11.12 14.16
N VAL C 50 -2.36 -10.02 14.17
CA VAL C 50 -2.19 -9.00 15.20
C VAL C 50 -3.32 -9.12 16.22
N SER C 51 -4.56 -8.93 15.78
CA SER C 51 -5.68 -8.91 16.73
C SER C 51 -6.97 -9.33 16.06
N TYR C 52 -7.92 -9.77 16.89
CA TYR C 52 -9.27 -10.11 16.46
C TYR C 52 -10.26 -9.54 17.48
N ILE C 53 -11.43 -9.16 16.99
CA ILE C 53 -12.48 -8.60 17.84
C ILE C 53 -13.82 -9.22 17.47
N SER C 54 -14.66 -9.38 18.49
CA SER C 54 -15.90 -10.11 18.40
C SER C 54 -16.96 -9.34 17.61
N SER C 55 -18.07 -10.04 17.33
CA SER C 55 -19.20 -9.38 16.70
C SER C 55 -19.81 -8.33 17.63
N SER C 56 -19.98 -8.68 18.91
CA SER C 56 -20.49 -7.74 19.90
C SER C 56 -19.40 -6.85 20.48
N GLY C 57 -18.16 -6.96 19.99
CA GLY C 57 -17.06 -6.21 20.52
C GLY C 57 -16.59 -6.64 21.89
N SER C 58 -17.32 -7.51 22.57
CA SER C 58 -17.00 -7.93 23.93
C SER C 58 -16.11 -9.17 23.97
N SER C 59 -15.18 -9.30 23.04
CA SER C 59 -14.21 -10.39 23.05
C SER C 59 -13.03 -10.05 22.14
N THR C 60 -11.89 -9.70 22.73
CA THR C 60 -10.70 -9.29 21.99
C THR C 60 -9.60 -10.33 22.15
N TYR C 61 -8.81 -10.51 21.10
CA TYR C 61 -7.74 -11.51 21.08
C TYR C 61 -6.52 -10.90 20.38
N TYR C 62 -5.54 -10.50 21.16
CA TYR C 62 -4.31 -9.93 20.62
C TYR C 62 -3.22 -11.00 20.57
N ALA C 63 -2.34 -10.87 19.58
CA ALA C 63 -1.16 -11.73 19.54
C ALA C 63 -0.29 -11.47 20.76
N ASP C 64 0.51 -12.47 21.14
CA ASP C 64 1.30 -12.37 22.36
C ASP C 64 2.31 -11.23 22.30
N SER C 65 2.83 -10.93 21.10
CA SER C 65 3.79 -9.85 20.95
C SER C 65 3.17 -8.50 21.30
N VAL C 66 2.08 -8.14 20.62
CA VAL C 66 1.41 -6.87 20.88
C VAL C 66 0.53 -6.90 22.12
N LYS C 67 0.42 -8.05 22.78
CA LYS C 67 -0.45 -8.16 23.94
C LYS C 67 0.00 -7.20 25.04
N GLY C 68 -0.95 -6.47 25.60
CA GLY C 68 -0.66 -5.47 26.60
C GLY C 68 -0.39 -4.09 26.06
N ARG C 69 -0.18 -3.93 24.76
CA ARG C 69 0.11 -2.63 24.19
C ARG C 69 -0.96 -2.14 23.23
N PHE C 70 -1.49 -3.02 22.38
CA PHE C 70 -2.51 -2.64 21.42
C PHE C 70 -3.90 -2.84 22.00
N THR C 71 -4.85 -2.10 21.43
CA THR C 71 -6.25 -2.16 21.88
C THR C 71 -7.13 -2.10 20.64
N ILE C 72 -7.81 -3.19 20.34
CA ILE C 72 -8.70 -3.25 19.18
C ILE C 72 -10.06 -2.70 19.61
N SER C 73 -10.78 -2.11 18.65
CA SER C 73 -12.05 -1.46 18.94
C SER C 73 -12.90 -1.51 17.69
N ARG C 74 -14.20 -1.21 17.84
CA ARG C 74 -15.08 -1.19 16.69
C ARG C 74 -16.33 -0.38 17.00
N ASP C 75 -16.91 0.18 15.94
CA ASP C 75 -18.18 0.90 16.01
C ASP C 75 -19.09 0.36 14.91
N ASN C 76 -20.16 -0.32 15.33
CA ASN C 76 -21.09 -0.92 14.38
C ASN C 76 -22.05 0.10 13.79
N SER C 77 -22.31 1.20 14.51
CA SER C 77 -23.20 2.24 13.97
C SER C 77 -22.53 3.02 12.87
N LYS C 78 -21.20 3.13 12.89
CA LYS C 78 -20.44 3.80 11.85
C LYS C 78 -19.69 2.83 10.95
N ASN C 79 -19.72 1.53 11.25
CA ASN C 79 -19.05 0.50 10.46
C ASN C 79 -17.55 0.79 10.34
N THR C 80 -16.89 0.94 11.50
CA THR C 80 -15.47 1.21 11.53
C THR C 80 -14.77 0.28 12.51
N LEU C 81 -13.52 -0.04 12.22
CA LEU C 81 -12.71 -0.94 13.02
C LEU C 81 -11.41 -0.25 13.38
N TYR C 82 -11.16 -0.06 14.67
CA TYR C 82 -10.00 0.69 15.13
C TYR C 82 -8.95 -0.24 15.74
N LEU C 83 -7.69 0.17 15.64
CA LEU C 83 -6.58 -0.44 16.34
C LEU C 83 -5.73 0.66 16.94
N GLN C 84 -5.66 0.71 18.27
CA GLN C 84 -4.92 1.72 19.00
C GLN C 84 -3.60 1.12 19.45
N MET C 85 -2.50 1.59 18.87
CA MET C 85 -1.17 1.09 19.15
C MET C 85 -0.46 2.10 20.04
N ASN C 86 -0.69 1.95 21.34
CA ASN C 86 0.01 2.76 22.33
C ASN C 86 1.36 2.13 22.63
N SER C 87 2.33 2.98 22.95
CA SER C 87 3.69 2.57 23.29
C SER C 87 4.26 1.64 22.21
N LEU C 88 4.39 2.20 21.02
CA LEU C 88 4.86 1.42 19.88
C LEU C 88 6.30 0.98 20.07
N ARG C 89 6.76 0.15 19.15
CA ARG C 89 8.12 -0.38 19.20
C ARG C 89 8.69 -0.41 17.78
N ALA C 90 10.01 -0.62 17.71
CA ALA C 90 10.71 -0.54 16.44
C ALA C 90 10.43 -1.75 15.55
N GLU C 91 10.13 -2.90 16.15
CA GLU C 91 9.82 -4.08 15.37
C GLU C 91 8.35 -4.17 14.98
N ASP C 92 7.49 -3.30 15.54
CA ASP C 92 6.07 -3.32 15.19
C ASP C 92 5.84 -2.95 13.74
N THR C 93 6.85 -2.37 13.08
CA THR C 93 6.68 -1.85 11.73
C THR C 93 6.30 -2.95 10.75
N ALA C 94 5.28 -2.68 9.93
CA ALA C 94 4.77 -3.64 8.96
C ALA C 94 3.62 -2.99 8.20
N VAL C 95 3.13 -3.71 7.19
CA VAL C 95 1.85 -3.38 6.58
C VAL C 95 0.75 -3.99 7.44
N TYR C 96 -0.22 -3.18 7.83
CA TYR C 96 -1.35 -3.65 8.60
C TYR C 96 -2.57 -3.79 7.69
N TYR C 97 -3.28 -4.91 7.83
CA TYR C 97 -4.37 -5.30 6.96
C TYR C 97 -5.63 -5.46 7.78
N CYS C 98 -6.66 -4.68 7.43
CA CYS C 98 -8.00 -4.85 7.97
C CYS C 98 -8.65 -6.08 7.36
N ALA C 99 -9.28 -6.90 8.21
CA ALA C 99 -9.68 -8.23 7.77
C ALA C 99 -11.08 -8.58 8.28
N ARG C 100 -11.91 -9.08 7.36
CA ARG C 100 -13.23 -9.60 7.68
C ARG C 100 -13.15 -11.11 7.91
N VAL C 101 -13.99 -11.60 8.81
CA VAL C 101 -13.98 -13.01 9.18
C VAL C 101 -14.96 -13.84 8.37
N GLY C 102 -16.04 -13.24 7.88
CA GLY C 102 -16.93 -13.94 6.98
C GLY C 102 -17.72 -15.06 7.61
N GLY C 103 -18.05 -14.96 8.89
CA GLY C 103 -18.91 -15.93 9.53
C GLY C 103 -20.03 -15.25 10.31
N TYR C 104 -21.27 -15.61 10.02
CA TYR C 104 -22.42 -15.05 10.71
C TYR C 104 -22.29 -15.29 12.21
N TYR C 105 -21.69 -14.34 12.92
CA TYR C 105 -21.44 -14.42 14.35
C TYR C 105 -20.52 -15.58 14.73
N SER C 106 -20.03 -16.32 13.75
CA SER C 106 -19.06 -17.39 13.95
C SER C 106 -17.76 -17.05 13.26
N TRP C 107 -16.72 -17.82 13.58
CA TRP C 107 -15.45 -17.64 12.89
C TRP C 107 -15.53 -18.07 11.43
N GLY C 108 -16.58 -18.81 11.06
CA GLY C 108 -16.80 -19.13 9.66
C GLY C 108 -15.67 -19.95 9.09
N ASN C 109 -15.28 -19.60 7.85
CA ASN C 109 -14.28 -20.35 7.12
C ASN C 109 -12.89 -19.73 7.18
N GLY C 110 -12.81 -18.42 7.34
CA GLY C 110 -11.53 -17.75 7.37
C GLY C 110 -11.66 -16.32 6.89
N ILE C 111 -10.54 -15.60 6.98
CA ILE C 111 -10.49 -14.22 6.51
C ILE C 111 -10.76 -14.21 5.01
N ASP C 112 -12.00 -13.88 4.63
CA ASP C 112 -12.37 -13.92 3.22
C ASP C 112 -11.92 -12.67 2.48
N TYR C 113 -12.29 -11.50 2.95
CA TYR C 113 -11.94 -10.25 2.28
C TYR C 113 -10.92 -9.47 3.10
N TRP C 114 -9.81 -9.12 2.47
CA TRP C 114 -8.74 -8.32 3.06
C TRP C 114 -8.79 -6.89 2.52
N GLY C 115 -8.37 -5.94 3.36
CA GLY C 115 -8.14 -4.60 2.88
C GLY C 115 -6.78 -4.49 2.20
N GLN C 116 -6.53 -3.34 1.60
CA GLN C 116 -5.24 -3.16 0.92
C GLN C 116 -4.11 -2.81 1.87
N GLY C 117 -4.40 -2.52 3.12
CA GLY C 117 -3.38 -2.34 4.13
C GLY C 117 -2.69 -0.99 4.09
N THR C 118 -2.17 -0.57 5.24
CA THR C 118 -1.40 0.67 5.35
C THR C 118 -0.06 0.39 6.00
N LEU C 119 0.96 1.09 5.55
CA LEU C 119 2.31 0.89 6.05
C LEU C 119 2.50 1.67 7.34
N VAL C 120 2.99 1.00 8.37
CA VAL C 120 3.31 1.63 9.64
C VAL C 120 4.79 1.39 9.90
N THR C 121 5.58 2.44 9.78
CA THR C 121 7.01 2.39 10.03
C THR C 121 7.35 3.22 11.26
N VAL C 122 8.43 2.84 11.92
CA VAL C 122 8.91 3.51 13.13
C VAL C 122 10.41 3.70 12.98
N SER C 123 10.83 4.96 12.93
CA SER C 123 12.26 5.26 12.83
C SER C 123 12.99 4.75 14.06
N SER C 124 14.22 4.29 13.85
CA SER C 124 15.03 3.75 14.93
C SER C 124 16.20 4.68 15.26
N SER C 139 3.54 -22.06 25.01
CA SER C 139 4.21 -22.17 23.72
C SER C 139 3.23 -21.90 22.56
N ASP C 140 3.68 -22.16 21.34
CA ASP C 140 2.92 -21.88 20.12
C ASP C 140 2.85 -23.12 19.26
N ILE C 141 2.03 -23.06 18.21
CA ILE C 141 1.92 -24.12 17.21
C ILE C 141 2.70 -23.66 15.98
N GLN C 142 3.82 -24.33 15.70
CA GLN C 142 4.66 -23.97 14.56
C GLN C 142 4.03 -24.46 13.26
N MET C 143 3.76 -23.53 12.35
CA MET C 143 3.25 -23.84 11.02
C MET C 143 4.37 -23.59 10.02
N THR C 144 4.91 -24.67 9.45
CA THR C 144 6.08 -24.58 8.58
C THR C 144 5.72 -25.03 7.17
N GLN C 145 6.17 -24.27 6.17
CA GLN C 145 5.85 -24.55 4.78
C GLN C 145 7.07 -25.07 4.04
N SER C 146 6.88 -26.13 3.27
CA SER C 146 7.92 -26.70 2.42
C SER C 146 7.47 -26.61 0.96
N PRO C 147 8.23 -25.93 0.09
CA PRO C 147 9.43 -25.20 0.46
C PRO C 147 9.16 -23.73 0.74
N SER C 148 10.22 -22.92 0.74
CA SER C 148 10.09 -21.47 0.84
C SER C 148 10.12 -20.80 -0.53
N SER C 149 11.09 -21.16 -1.36
CA SER C 149 11.17 -20.69 -2.73
C SER C 149 10.85 -21.83 -3.69
N LEU C 150 10.33 -21.47 -4.86
CA LEU C 150 10.01 -22.45 -5.89
C LEU C 150 9.89 -21.72 -7.22
N SER C 151 10.60 -22.20 -8.23
CA SER C 151 10.58 -21.59 -9.55
C SER C 151 9.94 -22.58 -10.52
N ALA C 152 8.77 -22.22 -11.03
CA ALA C 152 7.97 -23.07 -11.91
C ALA C 152 7.76 -22.39 -13.26
N SER C 153 7.32 -23.18 -14.23
CA SER C 153 6.96 -22.71 -15.56
C SER C 153 5.45 -22.79 -15.74
N VAL C 154 4.95 -22.09 -16.76
CA VAL C 154 3.52 -22.08 -17.02
C VAL C 154 3.10 -23.47 -17.47
N GLY C 155 2.19 -24.10 -16.73
CA GLY C 155 1.69 -25.41 -17.09
C GLY C 155 2.47 -26.52 -16.42
N ASP C 156 2.80 -26.30 -15.15
CA ASP C 156 3.53 -27.27 -14.34
C ASP C 156 2.69 -27.62 -13.12
N ARG C 157 2.56 -28.92 -12.85
CA ARG C 157 1.89 -29.35 -11.64
C ARG C 157 2.79 -29.08 -10.44
N VAL C 158 2.32 -28.26 -9.50
CA VAL C 158 3.11 -27.82 -8.36
C VAL C 158 2.47 -28.34 -7.08
N THR C 159 3.29 -28.75 -6.13
CA THR C 159 2.81 -29.26 -4.85
C THR C 159 3.54 -28.55 -3.72
N ILE C 160 2.75 -28.04 -2.76
CA ILE C 160 3.28 -27.34 -1.59
C ILE C 160 2.79 -28.05 -0.34
N THR C 161 3.66 -28.17 0.67
CA THR C 161 3.32 -28.85 1.91
C THR C 161 3.30 -27.86 3.07
N CYS C 162 2.38 -28.08 3.99
CA CYS C 162 2.23 -27.29 5.22
C CYS C 162 2.18 -28.25 6.39
N ARG C 163 3.04 -28.05 7.38
CA ARG C 163 3.16 -28.95 8.51
C ARG C 163 2.85 -28.21 9.81
N ALA C 164 2.03 -28.84 10.65
CA ALA C 164 1.73 -28.38 11.99
C ALA C 164 2.48 -29.21 13.02
N SER C 165 2.67 -28.62 14.20
CA SER C 165 3.34 -29.32 15.29
C SER C 165 2.39 -30.30 15.98
N GLN C 166 1.28 -29.79 16.49
CA GLN C 166 0.23 -30.62 17.06
C GLN C 166 -0.90 -30.77 16.05
N SER C 167 -1.66 -31.86 16.18
CA SER C 167 -2.67 -32.17 15.18
C SER C 167 -3.78 -31.12 15.20
N ILE C 168 -4.32 -30.83 14.02
CA ILE C 168 -5.34 -29.80 13.86
C ILE C 168 -6.52 -30.35 13.07
N SER C 169 -6.51 -31.65 12.81
CA SER C 169 -7.57 -32.32 12.06
C SER C 169 -7.70 -31.75 10.65
N SER C 170 -8.79 -31.01 10.40
CA SER C 170 -9.12 -30.52 9.07
C SER C 170 -9.34 -29.00 9.05
N TYR C 171 -8.75 -28.27 10.00
CA TYR C 171 -9.00 -26.84 10.13
C TYR C 171 -7.83 -26.02 9.59
N LEU C 172 -7.50 -26.23 8.32
CA LEU C 172 -6.42 -25.52 7.65
C LEU C 172 -6.98 -24.60 6.57
N ASN C 173 -6.37 -23.43 6.40
CA ASN C 173 -6.79 -22.48 5.39
C ASN C 173 -5.60 -22.01 4.56
N TRP C 174 -5.78 -21.95 3.25
CA TRP C 174 -4.76 -21.48 2.31
C TRP C 174 -5.17 -20.13 1.75
N TYR C 175 -4.29 -19.15 1.87
CA TYR C 175 -4.43 -17.83 1.28
C TYR C 175 -3.39 -17.62 0.19
N GLN C 176 -3.75 -16.81 -0.81
CA GLN C 176 -2.90 -16.53 -1.97
C GLN C 176 -2.69 -15.02 -2.08
N GLN C 177 -1.47 -14.57 -1.82
CA GLN C 177 -1.12 -13.16 -1.92
C GLN C 177 -0.41 -12.92 -3.26
N LYS C 178 -1.02 -12.09 -4.10
CA LYS C 178 -0.39 -11.68 -5.34
C LYS C 178 0.75 -10.71 -5.03
N PRO C 179 1.68 -10.54 -5.96
CA PRO C 179 2.82 -9.63 -5.72
C PRO C 179 2.35 -8.21 -5.43
N GLY C 180 2.59 -7.76 -4.19
CA GLY C 180 2.26 -6.42 -3.77
C GLY C 180 0.82 -6.18 -3.41
N LYS C 181 -0.10 -7.03 -3.85
CA LYS C 181 -1.52 -6.85 -3.60
C LYS C 181 -1.93 -7.53 -2.29
N ALA C 182 -3.17 -7.27 -1.89
CA ALA C 182 -3.68 -7.85 -0.65
C ALA C 182 -3.98 -9.34 -0.85
N PRO C 183 -3.96 -10.11 0.23
CA PRO C 183 -4.26 -11.55 0.11
C PRO C 183 -5.73 -11.81 -0.16
N LYS C 184 -6.07 -13.09 -0.33
CA LYS C 184 -7.45 -13.52 -0.54
C LYS C 184 -7.54 -15.00 -0.21
N LEU C 185 -8.67 -15.38 0.41
CA LEU C 185 -8.85 -16.77 0.83
C LEU C 185 -9.00 -17.68 -0.37
N LEU C 186 -8.15 -18.72 -0.44
CA LEU C 186 -8.20 -19.70 -1.51
C LEU C 186 -8.91 -20.98 -1.09
N ILE C 187 -8.36 -21.68 -0.11
CA ILE C 187 -8.85 -22.99 0.30
C ILE C 187 -9.29 -22.89 1.75
N TYR C 188 -10.52 -23.31 2.04
CA TYR C 188 -11.00 -23.39 3.41
C TYR C 188 -11.31 -24.84 3.77
N ALA C 189 -11.03 -25.20 5.02
CA ALA C 189 -11.17 -26.57 5.52
C ALA C 189 -10.30 -27.55 4.74
N ALA C 190 -9.15 -27.08 4.27
CA ALA C 190 -8.13 -27.91 3.60
C ALA C 190 -8.62 -28.52 2.29
N SER C 191 -9.85 -29.07 2.29
CA SER C 191 -10.34 -29.83 1.14
C SER C 191 -11.10 -28.97 0.14
N SER C 192 -11.99 -28.10 0.62
CA SER C 192 -12.94 -27.42 -0.25
C SER C 192 -12.40 -26.07 -0.72
N LEU C 193 -12.81 -25.69 -1.94
CA LEU C 193 -12.40 -24.45 -2.57
C LEU C 193 -13.39 -23.33 -2.23
N GLN C 194 -12.86 -22.11 -2.16
CA GLN C 194 -13.71 -20.95 -2.01
C GLN C 194 -14.48 -20.69 -3.30
N SER C 195 -15.68 -20.13 -3.17
CA SER C 195 -16.51 -19.85 -4.33
C SER C 195 -15.80 -18.86 -5.25
N GLY C 196 -15.63 -19.25 -6.51
CA GLY C 196 -14.90 -18.46 -7.48
C GLY C 196 -13.47 -18.92 -7.71
N VAL C 197 -12.92 -19.73 -6.82
CA VAL C 197 -11.56 -20.25 -7.03
C VAL C 197 -11.57 -21.16 -8.24
N PRO C 198 -10.60 -21.03 -9.16
CA PRO C 198 -10.62 -21.87 -10.36
C PRO C 198 -10.59 -23.36 -10.05
N SER C 199 -10.95 -24.15 -11.06
CA SER C 199 -11.08 -25.59 -10.87
C SER C 199 -9.73 -26.27 -10.67
N ARG C 200 -8.65 -25.66 -11.17
CA ARG C 200 -7.36 -26.33 -11.15
C ARG C 200 -6.78 -26.45 -9.74
N PHE C 201 -7.02 -25.46 -8.89
CA PHE C 201 -6.54 -25.54 -7.52
C PHE C 201 -7.17 -26.74 -6.81
N SER C 202 -6.36 -27.45 -6.03
CA SER C 202 -6.85 -28.60 -5.28
C SER C 202 -6.12 -28.65 -3.94
N GLY C 203 -6.84 -28.41 -2.85
CA GLY C 203 -6.28 -28.58 -1.53
C GLY C 203 -6.59 -29.96 -0.96
N SER C 204 -5.76 -30.38 -0.01
CA SER C 204 -5.97 -31.68 0.63
C SER C 204 -5.15 -31.73 1.92
N GLY C 205 -5.50 -32.68 2.78
CA GLY C 205 -4.75 -32.90 4.01
C GLY C 205 -5.58 -33.15 5.25
N SER C 206 -4.94 -33.67 6.30
CA SER C 206 -5.59 -33.97 7.56
C SER C 206 -4.52 -34.24 8.61
N GLY C 207 -4.78 -33.78 9.84
CA GLY C 207 -3.87 -34.03 10.94
C GLY C 207 -2.73 -33.03 11.05
N THR C 208 -1.55 -33.41 10.57
CA THR C 208 -0.36 -32.58 10.68
C THR C 208 0.22 -32.15 9.34
N ASP C 209 0.14 -32.98 8.31
CA ASP C 209 0.70 -32.68 7.00
C ASP C 209 -0.42 -32.42 6.01
N PHE C 210 -0.33 -31.30 5.29
CA PHE C 210 -1.35 -30.91 4.32
C PHE C 210 -0.65 -30.51 3.02
N THR C 211 -1.35 -30.66 1.90
CA THR C 211 -0.73 -30.39 0.59
C THR C 211 -1.70 -29.67 -0.33
N LEU C 212 -1.16 -28.67 -1.05
CA LEU C 212 -1.89 -27.94 -2.08
C LEU C 212 -1.29 -28.26 -3.44
N THR C 213 -2.15 -28.43 -4.44
CA THR C 213 -1.75 -28.89 -5.76
C THR C 213 -2.31 -27.97 -6.83
N ILE C 214 -1.41 -27.52 -7.72
CA ILE C 214 -1.76 -26.76 -8.91
C ILE C 214 -1.61 -27.72 -10.09
N SER C 215 -2.73 -28.05 -10.72
CA SER C 215 -2.74 -28.90 -11.90
C SER C 215 -2.92 -28.01 -13.13
N SER C 216 -2.01 -28.13 -14.10
CA SER C 216 -1.95 -27.25 -15.26
C SER C 216 -1.84 -25.80 -14.80
N LEU C 217 -0.63 -25.36 -14.46
CA LEU C 217 -0.42 -24.02 -13.93
C LEU C 217 -0.77 -22.95 -14.95
N GLN C 218 -1.43 -21.89 -14.50
CA GLN C 218 -1.83 -20.76 -15.33
C GLN C 218 -1.01 -19.52 -14.99
N PRO C 219 -0.92 -18.55 -15.91
CA PRO C 219 0.02 -17.44 -15.71
C PRO C 219 -0.25 -16.58 -14.49
N GLU C 220 -1.51 -16.39 -14.09
CA GLU C 220 -1.80 -15.49 -12.98
C GLU C 220 -1.63 -16.14 -11.61
N ASP C 221 -1.17 -17.39 -11.55
CA ASP C 221 -1.04 -18.09 -10.27
C ASP C 221 0.32 -17.86 -9.61
N PHE C 222 1.27 -17.27 -10.31
CA PHE C 222 2.59 -17.00 -9.72
C PHE C 222 2.46 -15.97 -8.61
N ALA C 223 2.76 -16.39 -7.38
CA ALA C 223 2.48 -15.56 -6.22
C ALA C 223 3.03 -16.18 -4.95
N THR C 224 2.70 -15.63 -3.78
CA THR C 224 3.05 -16.25 -2.52
C THR C 224 1.83 -16.96 -1.97
N TYR C 225 2.04 -18.13 -1.38
CA TYR C 225 0.97 -18.92 -0.81
C TYR C 225 1.26 -19.16 0.67
N TYR C 226 0.27 -18.87 1.51
CA TYR C 226 0.39 -19.04 2.95
C TYR C 226 -0.67 -20.01 3.45
N CYS C 227 -0.31 -20.79 4.47
CA CYS C 227 -1.27 -21.61 5.19
C CYS C 227 -1.45 -21.06 6.60
N GLN C 228 -2.58 -21.44 7.21
CA GLN C 228 -2.94 -20.94 8.53
C GLN C 228 -3.79 -21.98 9.24
N GLN C 229 -3.56 -22.13 10.54
CA GLN C 229 -4.46 -22.86 11.41
C GLN C 229 -5.65 -21.97 11.74
N TYR C 230 -6.87 -22.48 11.51
CA TYR C 230 -8.08 -21.66 11.68
C TYR C 230 -9.21 -22.55 12.22
N GLY C 231 -9.40 -22.51 13.54
CA GLY C 231 -10.57 -23.14 14.14
C GLY C 231 -10.38 -23.89 15.45
N VAL C 232 -9.23 -24.54 15.65
CA VAL C 232 -9.06 -25.42 16.81
C VAL C 232 -8.41 -24.69 17.98
N TYR C 233 -7.19 -24.21 17.81
CA TYR C 233 -6.44 -23.54 18.87
C TYR C 233 -6.33 -22.05 18.56
N TYR C 234 -6.61 -21.22 19.56
CA TYR C 234 -6.74 -19.78 19.34
C TYR C 234 -5.47 -19.07 18.92
N PRO C 235 -4.27 -19.66 19.08
CA PRO C 235 -3.14 -19.16 18.27
C PRO C 235 -3.36 -19.42 16.79
N PHE C 236 -4.21 -18.61 16.15
CA PHE C 236 -4.47 -18.75 14.72
C PHE C 236 -3.25 -18.35 13.91
N THR C 237 -2.18 -19.13 14.02
CA THR C 237 -0.90 -18.78 13.43
C THR C 237 -0.88 -19.00 11.93
N PHE C 238 -0.20 -18.13 11.21
CA PHE C 238 0.01 -18.26 9.78
C PHE C 238 1.22 -19.14 9.49
N GLY C 239 1.36 -19.52 8.22
CA GLY C 239 2.56 -20.21 7.77
C GLY C 239 3.64 -19.24 7.34
N GLN C 240 4.86 -19.77 7.17
CA GLN C 240 5.96 -18.89 6.80
C GLN C 240 5.85 -18.44 5.35
N GLY C 241 5.20 -19.23 4.50
CA GLY C 241 4.95 -18.83 3.14
C GLY C 241 5.83 -19.55 2.14
N THR C 242 5.28 -19.76 0.94
CA THR C 242 6.01 -20.35 -0.18
C THR C 242 5.88 -19.43 -1.38
N LYS C 243 7.01 -19.01 -1.95
CA LYS C 243 7.01 -18.09 -3.07
C LYS C 243 7.11 -18.88 -4.37
N LEU C 244 5.99 -19.02 -5.08
CA LEU C 244 5.95 -19.64 -6.40
C LEU C 244 6.24 -18.55 -7.42
N GLU C 245 7.51 -18.46 -7.82
CA GLU C 245 7.95 -17.52 -8.84
C GLU C 245 8.21 -18.28 -10.15
N ILE C 246 8.66 -17.55 -11.15
CA ILE C 246 8.70 -18.01 -12.53
C ILE C 246 10.10 -18.52 -12.88
N LYS C 247 10.15 -19.56 -13.71
CA LYS C 247 11.39 -20.17 -14.16
C LYS C 247 11.94 -19.44 -15.38
N MET D 2 19.72 2.66 0.27
CA MET D 2 19.35 1.96 1.49
C MET D 2 18.77 2.92 2.52
N GLU D 3 19.51 4.01 2.80
CA GLU D 3 19.07 4.97 3.81
C GLU D 3 17.93 5.85 3.31
N VAL D 4 17.85 6.05 1.99
CA VAL D 4 16.83 6.92 1.42
C VAL D 4 15.45 6.29 1.60
N GLN D 5 14.54 7.04 2.20
CA GLN D 5 13.18 6.57 2.45
C GLN D 5 12.20 7.73 2.33
N LEU D 6 11.10 7.47 1.63
CA LEU D 6 9.97 8.39 1.50
C LEU D 6 8.73 7.68 2.03
N LEU D 7 8.21 8.16 3.16
CA LEU D 7 7.10 7.52 3.84
C LEU D 7 5.87 8.41 3.70
N GLU D 8 4.88 7.94 2.95
CA GLU D 8 3.65 8.72 2.81
C GLU D 8 2.71 8.44 3.98
N SER D 9 1.79 9.38 4.19
CA SER D 9 0.81 9.27 5.26
C SER D 9 -0.35 10.20 4.94
N GLY D 10 -1.52 9.85 5.46
CA GLY D 10 -2.74 10.60 5.23
C GLY D 10 -3.69 9.96 4.25
N GLY D 11 -3.38 8.76 3.76
CA GLY D 11 -4.27 8.10 2.82
C GLY D 11 -5.46 7.46 3.51
N GLY D 12 -6.53 7.32 2.76
CA GLY D 12 -7.75 6.72 3.29
C GLY D 12 -8.94 7.07 2.42
N LEU D 13 -10.09 7.19 3.07
CA LEU D 13 -11.34 7.54 2.40
C LEU D 13 -11.72 8.96 2.77
N VAL D 14 -11.94 9.78 1.75
CA VAL D 14 -12.48 11.12 1.91
C VAL D 14 -13.83 11.18 1.20
N GLN D 15 -14.73 11.96 1.76
CA GLN D 15 -16.04 12.18 1.14
C GLN D 15 -15.91 13.20 0.01
N PRO D 16 -16.71 13.06 -1.05
CA PRO D 16 -16.60 14.00 -2.18
C PRO D 16 -16.88 15.43 -1.73
N GLY D 17 -16.06 16.36 -2.24
CA GLY D 17 -16.14 17.75 -1.85
C GLY D 17 -15.29 18.13 -0.66
N GLY D 18 -14.74 17.16 0.06
CA GLY D 18 -13.92 17.45 1.23
C GLY D 18 -12.43 17.51 0.91
N SER D 19 -11.71 18.18 1.80
CA SER D 19 -10.27 18.34 1.68
C SER D 19 -9.54 17.16 2.31
N LEU D 20 -8.26 17.02 1.97
CA LEU D 20 -7.43 15.97 2.53
C LEU D 20 -5.97 16.35 2.35
N ARG D 21 -5.17 16.14 3.38
CA ARG D 21 -3.75 16.48 3.35
C ARG D 21 -2.91 15.21 3.39
N LEU D 22 -1.89 15.17 2.54
CA LEU D 22 -0.99 14.04 2.44
C LEU D 22 0.42 14.51 2.80
N SER D 23 1.04 13.82 3.76
CA SER D 23 2.35 14.22 4.26
C SER D 23 3.35 13.10 4.00
N CYS D 24 4.50 13.45 3.44
CA CYS D 24 5.54 12.50 3.11
C CYS D 24 6.80 12.87 3.88
N ALA D 25 7.29 11.94 4.69
CA ALA D 25 8.53 12.12 5.43
C ALA D 25 9.70 11.65 4.57
N ALA D 26 10.77 12.45 4.54
CA ALA D 26 11.96 12.14 3.77
C ALA D 26 13.13 11.89 4.71
N SER D 27 13.92 10.87 4.38
CA SER D 27 15.06 10.52 5.23
C SER D 27 16.19 9.97 4.39
N GLY D 28 17.42 10.29 4.78
CA GLY D 28 18.60 9.68 4.19
C GLY D 28 19.22 10.40 3.02
N PHE D 29 18.83 11.64 2.74
CA PHE D 29 19.40 12.38 1.63
C PHE D 29 19.25 13.87 1.90
N THR D 30 19.76 14.67 0.97
CA THR D 30 19.70 16.14 1.07
C THR D 30 18.34 16.60 0.58
N PHE D 31 17.50 17.08 1.50
CA PHE D 31 16.16 17.50 1.11
C PHE D 31 16.16 18.88 0.48
N TYR D 32 16.78 19.87 1.15
CA TYR D 32 16.74 21.25 0.69
C TYR D 32 17.38 21.45 -0.69
N SER D 33 17.96 20.40 -1.28
CA SER D 33 18.59 20.51 -2.59
C SER D 33 17.70 20.00 -3.72
N SER D 34 16.99 18.89 -3.51
CA SER D 34 16.24 18.24 -4.58
C SER D 34 14.85 18.83 -4.73
N TYR D 35 14.43 19.02 -5.99
CA TYR D 35 13.02 19.27 -6.25
C TYR D 35 12.19 18.09 -5.74
N MET D 36 10.91 18.34 -5.51
CA MET D 36 10.03 17.27 -5.01
C MET D 36 8.79 17.18 -5.88
N GLY D 37 8.09 16.05 -5.76
CA GLY D 37 6.86 15.91 -6.52
C GLY D 37 5.91 14.87 -5.97
N TRP D 38 4.67 15.00 -6.38
CA TRP D 38 3.64 13.99 -6.19
C TRP D 38 3.20 13.48 -7.55
N VAL D 39 3.18 12.16 -7.70
CA VAL D 39 2.68 11.51 -8.91
C VAL D 39 1.66 10.47 -8.49
N ARG D 40 0.44 10.56 -9.00
CA ARG D 40 -0.59 9.59 -8.64
C ARG D 40 -0.71 8.52 -9.71
N GLN D 41 -1.34 7.42 -9.32
CA GLN D 41 -1.60 6.30 -10.22
C GLN D 41 -2.98 5.75 -9.87
N ALA D 42 -3.94 5.94 -10.76
CA ALA D 42 -5.24 5.35 -10.54
C ALA D 42 -5.10 3.83 -10.50
N PRO D 43 -5.88 3.14 -9.67
CA PRO D 43 -5.74 1.67 -9.58
C PRO D 43 -6.05 1.00 -10.90
N GLY D 44 -5.07 0.29 -11.43
CA GLY D 44 -5.24 -0.40 -12.71
C GLY D 44 -5.13 0.48 -13.92
N LYS D 45 -4.47 1.64 -13.80
CA LYS D 45 -4.30 2.56 -14.92
C LYS D 45 -2.90 3.18 -14.85
N GLY D 46 -2.52 3.84 -15.92
CA GLY D 46 -1.19 4.43 -16.01
C GLY D 46 -0.97 5.54 -14.99
N LEU D 47 0.27 6.00 -14.94
CA LEU D 47 0.65 7.06 -14.02
C LEU D 47 0.08 8.40 -14.48
N GLU D 48 0.10 9.37 -13.55
CA GLU D 48 -0.28 10.74 -13.86
C GLU D 48 0.46 11.66 -12.89
N TRP D 49 1.31 12.53 -13.44
CA TRP D 49 2.02 13.49 -12.59
C TRP D 49 1.02 14.47 -11.99
N VAL D 50 1.07 14.61 -10.67
CA VAL D 50 0.14 15.50 -9.97
C VAL D 50 0.75 16.88 -9.82
N SER D 51 1.86 16.96 -9.08
CA SER D 51 2.43 18.26 -8.77
C SER D 51 3.94 18.15 -8.65
N TYR D 52 4.60 19.26 -8.92
CA TYR D 52 6.04 19.40 -8.75
C TYR D 52 6.29 20.69 -7.99
N ILE D 53 7.19 20.64 -7.01
CA ILE D 53 7.51 21.80 -6.20
C ILE D 53 9.03 22.02 -6.21
N SER D 54 9.40 23.29 -6.25
CA SER D 54 10.78 23.70 -6.39
C SER D 54 11.58 23.40 -5.12
N SER D 55 12.90 23.36 -5.26
CA SER D 55 13.76 23.17 -4.10
C SER D 55 13.58 24.31 -3.11
N SER D 56 13.48 25.54 -3.59
CA SER D 56 13.23 26.68 -2.71
C SER D 56 11.79 26.73 -2.24
N GLY D 57 10.91 25.90 -2.79
CA GLY D 57 9.50 25.96 -2.46
C GLY D 57 8.77 27.16 -3.00
N SER D 58 9.43 27.98 -3.82
CA SER D 58 8.86 29.21 -4.36
C SER D 58 8.26 29.04 -5.75
N SER D 59 8.35 27.84 -6.33
CA SER D 59 7.81 27.57 -7.65
C SER D 59 7.03 26.26 -7.63
N THR D 60 5.85 26.27 -8.22
CA THR D 60 4.95 25.13 -8.21
C THR D 60 4.41 24.87 -9.61
N TYR D 61 4.19 23.58 -9.91
CA TYR D 61 3.69 23.14 -11.21
C TYR D 61 2.63 22.08 -10.95
N TYR D 62 1.36 22.44 -11.11
CA TYR D 62 0.25 21.51 -10.95
C TYR D 62 -0.24 21.02 -12.30
N ALA D 63 -0.65 19.75 -12.34
CA ALA D 63 -1.25 19.21 -13.54
C ALA D 63 -2.59 19.90 -13.82
N ASP D 64 -2.98 19.91 -15.09
CA ASP D 64 -4.21 20.60 -15.49
C ASP D 64 -5.43 20.06 -14.78
N SER D 65 -5.43 18.77 -14.45
CA SER D 65 -6.59 18.18 -13.79
C SER D 65 -6.77 18.75 -12.38
N VAL D 66 -5.69 18.84 -11.61
CA VAL D 66 -5.79 19.30 -10.23
C VAL D 66 -5.42 20.77 -10.08
N LYS D 67 -5.12 21.47 -11.17
CA LYS D 67 -4.74 22.88 -11.09
C LYS D 67 -5.91 23.69 -10.54
N GLY D 68 -5.61 24.54 -9.56
CA GLY D 68 -6.62 25.33 -8.88
C GLY D 68 -7.26 24.65 -7.68
N ARG D 69 -7.07 23.34 -7.51
CA ARG D 69 -7.63 22.60 -6.39
C ARG D 69 -6.59 22.05 -5.44
N PHE D 70 -5.39 21.70 -5.91
CA PHE D 70 -4.35 21.14 -5.07
C PHE D 70 -3.30 22.19 -4.74
N THR D 71 -2.67 22.04 -3.57
CA THR D 71 -1.66 22.98 -3.09
C THR D 71 -0.49 22.17 -2.53
N ILE D 72 0.65 22.20 -3.22
CA ILE D 72 1.82 21.47 -2.77
C ILE D 72 2.65 22.36 -1.87
N SER D 73 3.29 21.75 -0.87
CA SER D 73 4.02 22.50 0.14
C SER D 73 5.19 21.66 0.63
N ARG D 74 6.10 22.30 1.37
CA ARG D 74 7.24 21.58 1.89
C ARG D 74 7.84 22.34 3.07
N ASP D 75 8.39 21.58 4.01
CA ASP D 75 9.15 22.12 5.13
C ASP D 75 10.54 21.48 5.09
N ASN D 76 11.55 22.31 4.82
CA ASN D 76 12.92 21.83 4.73
C ASN D 76 13.53 21.62 6.11
N SER D 77 13.14 22.42 7.10
CA SER D 77 13.66 22.23 8.44
C SER D 77 13.19 20.90 9.03
N LYS D 78 12.06 20.37 8.56
CA LYS D 78 11.53 19.11 9.05
C LYS D 78 11.61 17.99 8.03
N ASN D 79 12.02 18.29 6.79
CA ASN D 79 12.11 17.31 5.71
C ASN D 79 10.76 16.62 5.47
N THR D 80 9.75 17.45 5.18
CA THR D 80 8.41 16.95 4.95
C THR D 80 7.83 17.57 3.69
N LEU D 81 7.07 16.79 2.95
CA LEU D 81 6.44 17.21 1.70
C LEU D 81 4.93 17.03 1.81
N TYR D 82 4.18 18.11 1.65
CA TYR D 82 2.74 18.10 1.86
C TYR D 82 2.01 18.34 0.56
N LEU D 83 0.80 17.78 0.48
CA LEU D 83 -0.13 18.06 -0.61
C LEU D 83 -1.52 18.23 -0.01
N GLN D 84 -2.11 19.42 -0.17
CA GLN D 84 -3.42 19.74 0.36
C GLN D 84 -4.43 19.74 -0.78
N MET D 85 -5.39 18.84 -0.73
CA MET D 85 -6.37 18.61 -1.79
C MET D 85 -7.70 19.18 -1.32
N ASN D 86 -8.03 20.37 -1.82
CA ASN D 86 -9.30 21.01 -1.54
C ASN D 86 -10.28 20.68 -2.66
N SER D 87 -11.54 20.47 -2.30
CA SER D 87 -12.60 20.09 -3.24
C SER D 87 -12.19 18.84 -4.03
N LEU D 88 -12.14 17.73 -3.30
CA LEU D 88 -11.80 16.46 -3.91
C LEU D 88 -12.90 15.99 -4.85
N ARG D 89 -12.49 15.26 -5.88
CA ARG D 89 -13.39 14.79 -6.92
C ARG D 89 -13.26 13.28 -7.06
N ALA D 90 -14.23 12.68 -7.75
CA ALA D 90 -14.34 11.23 -7.82
C ALA D 90 -13.08 10.61 -8.42
N GLU D 91 -12.70 11.02 -9.63
CA GLU D 91 -11.58 10.41 -10.34
C GLU D 91 -10.23 10.69 -9.68
N ASP D 92 -10.19 11.48 -8.60
CA ASP D 92 -8.93 11.68 -7.89
C ASP D 92 -8.46 10.45 -7.15
N THR D 93 -9.26 9.38 -7.11
CA THR D 93 -8.86 8.14 -6.46
C THR D 93 -7.58 7.60 -7.08
N ALA D 94 -6.56 7.37 -6.24
CA ALA D 94 -5.29 6.87 -6.75
C ALA D 94 -4.37 6.50 -5.60
N VAL D 95 -3.33 5.75 -5.94
CA VAL D 95 -2.14 5.66 -5.10
C VAL D 95 -1.33 6.92 -5.38
N TYR D 96 -1.20 7.79 -4.38
CA TYR D 96 -0.39 8.98 -4.52
C TYR D 96 1.03 8.66 -4.07
N TYR D 97 2.01 9.07 -4.88
CA TYR D 97 3.41 8.71 -4.71
C TYR D 97 4.26 9.94 -4.44
N CYS D 98 4.98 9.91 -3.33
CA CYS D 98 6.02 10.89 -3.03
C CYS D 98 7.26 10.59 -3.87
N ALA D 99 7.81 11.62 -4.50
CA ALA D 99 8.86 11.41 -5.48
C ALA D 99 9.97 12.43 -5.33
N ARG D 100 11.22 11.94 -5.35
CA ARG D 100 12.40 12.78 -5.36
C ARG D 100 12.88 12.99 -6.80
N VAL D 101 13.37 14.19 -7.09
CA VAL D 101 13.76 14.53 -8.45
C VAL D 101 15.21 14.15 -8.76
N GLY D 102 16.07 14.09 -7.74
CA GLY D 102 17.41 13.61 -7.95
C GLY D 102 18.30 14.49 -8.80
N GLY D 103 18.02 15.79 -8.83
CA GLY D 103 18.92 16.74 -9.46
C GLY D 103 19.33 17.85 -8.51
N TYR D 104 20.64 17.98 -8.26
CA TYR D 104 21.15 18.97 -7.32
C TYR D 104 20.68 20.37 -7.71
N TYR D 105 19.55 20.79 -7.15
CA TYR D 105 18.88 22.06 -7.47
C TYR D 105 18.41 22.12 -8.91
N SER D 106 18.44 21.00 -9.64
CA SER D 106 17.99 20.94 -11.02
C SER D 106 17.04 19.76 -11.18
N TRP D 107 16.39 19.71 -12.34
CA TRP D 107 15.52 18.58 -12.64
C TRP D 107 16.30 17.29 -12.81
N GLY D 108 17.61 17.38 -13.04
CA GLY D 108 18.46 16.20 -13.08
C GLY D 108 18.08 15.25 -14.19
N ASN D 109 18.22 13.96 -13.92
CA ASN D 109 17.90 12.93 -14.91
C ASN D 109 16.42 12.56 -14.88
N GLY D 110 15.81 12.55 -13.71
CA GLY D 110 14.43 12.14 -13.57
C GLY D 110 14.17 11.64 -12.16
N ILE D 111 12.90 11.31 -11.93
CA ILE D 111 12.46 10.80 -10.62
C ILE D 111 13.23 9.52 -10.31
N ASP D 112 14.18 9.60 -9.39
CA ASP D 112 15.05 8.47 -9.09
C ASP D 112 14.49 7.57 -8.00
N TYR D 113 14.02 8.14 -6.89
CA TYR D 113 13.46 7.37 -5.80
C TYR D 113 11.98 7.71 -5.63
N TRP D 114 11.15 6.67 -5.58
CA TRP D 114 9.72 6.80 -5.37
C TRP D 114 9.36 6.35 -3.96
N GLY D 115 8.35 6.99 -3.40
CA GLY D 115 7.74 6.48 -2.19
C GLY D 115 6.88 5.27 -2.48
N GLN D 116 6.45 4.59 -1.43
CA GLN D 116 5.60 3.42 -1.60
C GLN D 116 4.14 3.78 -1.82
N GLY D 117 3.79 5.07 -1.82
CA GLY D 117 2.45 5.51 -2.14
C GLY D 117 1.45 5.25 -1.05
N THR D 118 0.43 6.10 -0.97
CA THR D 118 -0.68 5.91 -0.06
C THR D 118 -1.98 5.98 -0.85
N LEU D 119 -2.97 5.20 -0.44
CA LEU D 119 -4.21 5.06 -1.19
C LEU D 119 -5.20 6.13 -0.77
N VAL D 120 -5.71 6.89 -1.74
CA VAL D 120 -6.75 7.88 -1.49
C VAL D 120 -7.95 7.50 -2.36
N THR D 121 -9.02 7.05 -1.72
CA THR D 121 -10.28 6.76 -2.37
C THR D 121 -11.34 7.73 -1.90
N VAL D 122 -12.23 8.14 -2.80
CA VAL D 122 -13.34 9.01 -2.47
C VAL D 122 -14.61 8.38 -3.04
N SER D 123 -15.53 8.01 -2.14
CA SER D 123 -16.79 7.42 -2.56
C SER D 123 -17.61 8.42 -3.38
N SER D 124 -18.50 7.87 -4.21
CA SER D 124 -19.35 8.71 -5.06
C SER D 124 -20.34 9.51 -4.24
N SER D 139 0.83 23.65 -24.07
CA SER D 139 -0.03 22.67 -24.72
C SER D 139 0.09 21.31 -24.05
N ASP D 140 -0.25 20.25 -24.79
CA ASP D 140 -0.11 18.89 -24.31
C ASP D 140 0.67 18.06 -25.34
N ILE D 141 1.56 17.21 -24.84
CA ILE D 141 2.35 16.32 -25.69
C ILE D 141 1.84 14.91 -25.47
N GLN D 142 1.13 14.37 -26.45
CA GLN D 142 0.59 13.02 -26.33
C GLN D 142 1.73 12.01 -26.33
N MET D 143 1.82 11.23 -25.26
CA MET D 143 2.85 10.19 -25.11
C MET D 143 2.15 8.84 -25.11
N THR D 144 2.33 8.09 -26.19
CA THR D 144 1.67 6.80 -26.37
C THR D 144 2.69 5.67 -26.39
N GLN D 145 2.25 4.47 -26.05
CA GLN D 145 3.13 3.31 -26.00
C GLN D 145 2.56 2.16 -26.82
N SER D 146 3.46 1.34 -27.37
CA SER D 146 3.08 0.16 -28.13
C SER D 146 3.96 -1.02 -27.75
N PRO D 147 3.36 -2.16 -27.37
CA PRO D 147 1.91 -2.31 -27.23
C PRO D 147 1.43 -1.97 -25.81
N SER D 148 0.15 -2.23 -25.54
CA SER D 148 -0.37 -2.08 -24.18
C SER D 148 -0.14 -3.36 -23.37
N SER D 149 -0.43 -4.51 -23.95
CA SER D 149 -0.17 -5.79 -23.35
C SER D 149 0.82 -6.57 -24.21
N LEU D 150 1.61 -7.42 -23.57
CA LEU D 150 2.59 -8.24 -24.27
C LEU D 150 2.92 -9.45 -23.42
N SER D 151 2.75 -10.64 -23.98
CA SER D 151 3.10 -11.88 -23.31
C SER D 151 4.42 -12.39 -23.87
N ALA D 152 5.39 -12.60 -22.98
CA ALA D 152 6.73 -13.04 -23.37
C ALA D 152 7.15 -14.23 -22.52
N SER D 153 8.18 -14.93 -23.00
CA SER D 153 8.75 -16.08 -22.31
C SER D 153 10.11 -15.74 -21.74
N VAL D 154 10.55 -16.54 -20.76
CA VAL D 154 11.83 -16.28 -20.10
C VAL D 154 12.95 -16.47 -21.12
N GLY D 155 13.64 -15.38 -21.47
CA GLY D 155 14.74 -15.45 -22.42
C GLY D 155 14.31 -15.02 -23.82
N ASP D 156 13.47 -13.98 -23.89
CA ASP D 156 13.00 -13.44 -25.15
C ASP D 156 13.50 -12.02 -25.32
N ARG D 157 13.73 -11.63 -26.57
CA ARG D 157 14.13 -10.26 -26.90
C ARG D 157 12.86 -9.44 -27.09
N VAL D 158 12.57 -8.58 -26.10
CA VAL D 158 11.35 -7.79 -26.07
C VAL D 158 11.66 -6.37 -26.50
N THR D 159 10.75 -5.78 -27.30
CA THR D 159 10.90 -4.43 -27.80
C THR D 159 9.61 -3.65 -27.55
N ILE D 160 9.73 -2.52 -26.87
CA ILE D 160 8.60 -1.64 -26.58
C ILE D 160 8.88 -0.30 -27.23
N THR D 161 7.83 0.32 -27.78
CA THR D 161 7.97 1.60 -28.45
C THR D 161 7.21 2.67 -27.69
N CYS D 162 7.77 3.88 -27.68
CA CYS D 162 7.18 5.08 -27.11
C CYS D 162 7.15 6.14 -28.19
N ARG D 163 6.08 6.92 -28.23
CA ARG D 163 5.86 7.90 -29.28
C ARG D 163 5.39 9.22 -28.68
N ALA D 164 6.04 10.30 -29.10
CA ALA D 164 5.67 11.65 -28.71
C ALA D 164 4.97 12.36 -29.85
N SER D 165 4.02 13.23 -29.50
CA SER D 165 3.30 14.00 -30.52
C SER D 165 4.24 14.93 -31.27
N GLN D 166 5.01 15.74 -30.54
CA GLN D 166 6.03 16.61 -31.11
C GLN D 166 7.40 16.07 -30.78
N SER D 167 8.38 16.41 -31.62
CA SER D 167 9.75 15.94 -31.42
C SER D 167 10.31 16.44 -30.10
N ILE D 168 11.03 15.56 -29.40
CA ILE D 168 11.58 15.89 -28.09
C ILE D 168 13.06 15.54 -28.04
N SER D 169 13.72 15.49 -29.21
CA SER D 169 15.13 15.15 -29.34
C SER D 169 15.47 13.84 -28.62
N SER D 170 16.17 13.94 -27.50
CA SER D 170 16.63 12.76 -26.75
C SER D 170 16.20 12.78 -25.29
N TYR D 171 15.27 13.67 -24.92
CA TYR D 171 14.84 13.82 -23.53
C TYR D 171 13.66 12.88 -23.28
N LEU D 172 13.99 11.62 -22.95
CA LEU D 172 12.98 10.63 -22.61
C LEU D 172 13.50 9.75 -21.48
N ASN D 173 12.59 9.33 -20.60
CA ASN D 173 12.95 8.50 -19.45
C ASN D 173 12.05 7.28 -19.39
N TRP D 174 12.63 6.14 -19.03
CA TRP D 174 11.90 4.89 -18.87
C TRP D 174 11.87 4.50 -17.39
N TYR D 175 10.69 4.14 -16.90
CA TYR D 175 10.50 3.68 -15.53
C TYR D 175 9.95 2.26 -15.53
N GLN D 176 10.38 1.46 -14.56
CA GLN D 176 9.96 0.07 -14.41
C GLN D 176 9.20 -0.06 -13.10
N GLN D 177 7.88 -0.17 -13.18
CA GLN D 177 7.05 -0.41 -12.01
C GLN D 177 6.80 -1.91 -11.88
N LYS D 178 7.34 -2.51 -10.83
CA LYS D 178 7.09 -3.91 -10.55
C LYS D 178 5.68 -4.07 -9.97
N PRO D 179 5.07 -5.24 -10.14
CA PRO D 179 3.69 -5.43 -9.66
C PRO D 179 3.58 -5.19 -8.16
N GLY D 180 2.69 -4.26 -7.79
CA GLY D 180 2.42 -3.95 -6.40
C GLY D 180 3.42 -3.05 -5.72
N LYS D 181 4.63 -2.94 -6.26
CA LYS D 181 5.67 -2.09 -5.70
C LYS D 181 5.68 -0.73 -6.40
N ALA D 182 6.58 0.16 -5.95
CA ALA D 182 6.80 1.48 -6.50
C ALA D 182 7.78 1.43 -7.67
N PRO D 183 7.67 2.35 -8.62
CA PRO D 183 8.56 2.32 -9.79
C PRO D 183 9.97 2.76 -9.45
N LYS D 184 10.85 2.62 -10.44
CA LYS D 184 12.24 3.04 -10.33
C LYS D 184 12.75 3.38 -11.72
N LEU D 185 13.48 4.49 -11.82
CA LEU D 185 13.94 4.98 -13.11
C LEU D 185 14.95 4.02 -13.72
N LEU D 186 14.72 3.64 -14.98
CA LEU D 186 15.64 2.78 -15.72
C LEU D 186 16.56 3.61 -16.61
N ILE D 187 16.03 4.08 -17.73
CA ILE D 187 16.81 4.80 -18.72
C ILE D 187 16.51 6.28 -18.60
N TYR D 188 17.56 7.10 -18.52
CA TYR D 188 17.44 8.54 -18.58
C TYR D 188 18.17 9.05 -19.82
N ALA D 189 17.63 10.11 -20.41
CA ALA D 189 18.14 10.68 -21.66
C ALA D 189 18.21 9.61 -22.76
N ALA D 190 17.07 9.00 -23.01
CA ALA D 190 16.87 8.05 -24.11
C ALA D 190 17.72 6.79 -24.03
N SER D 191 19.01 6.92 -23.79
CA SER D 191 19.93 5.79 -23.86
C SER D 191 20.79 5.58 -22.62
N SER D 192 20.95 6.58 -21.76
CA SER D 192 21.85 6.43 -20.62
C SER D 192 21.21 5.52 -19.57
N LEU D 193 21.98 4.54 -19.11
CA LEU D 193 21.51 3.61 -18.09
C LEU D 193 21.75 4.21 -16.71
N GLN D 194 20.74 4.12 -15.85
CA GLN D 194 20.93 4.55 -14.47
C GLN D 194 21.87 3.58 -13.76
N SER D 195 22.67 4.10 -12.83
CA SER D 195 23.63 3.30 -12.10
C SER D 195 22.91 2.22 -11.30
N GLY D 196 23.20 0.96 -11.60
CA GLY D 196 22.56 -0.18 -10.97
C GLY D 196 21.70 -0.99 -11.90
N VAL D 197 21.29 -0.43 -13.03
CA VAL D 197 20.48 -1.17 -14.01
C VAL D 197 21.35 -2.23 -14.68
N PRO D 198 20.89 -3.47 -14.80
CA PRO D 198 21.70 -4.51 -15.44
C PRO D 198 22.04 -4.17 -16.88
N SER D 199 22.94 -4.96 -17.45
CA SER D 199 23.50 -4.68 -18.77
C SER D 199 22.59 -5.14 -19.91
N ARG D 200 21.56 -5.95 -19.62
CA ARG D 200 20.72 -6.48 -20.69
C ARG D 200 19.70 -5.46 -21.20
N PHE D 201 19.28 -4.51 -20.36
CA PHE D 201 18.37 -3.48 -20.80
C PHE D 201 19.08 -2.48 -21.69
N SER D 202 18.43 -2.08 -22.78
CA SER D 202 19.04 -1.13 -23.71
C SER D 202 17.97 -0.20 -24.26
N GLY D 203 18.14 1.10 -24.03
CA GLY D 203 17.25 2.10 -24.58
C GLY D 203 17.84 2.76 -25.82
N SER D 204 16.97 3.24 -26.70
CA SER D 204 17.42 3.92 -27.92
C SER D 204 16.29 4.79 -28.44
N GLY D 205 16.64 5.68 -29.36
CA GLY D 205 15.65 6.53 -29.99
C GLY D 205 15.97 8.01 -29.98
N SER D 206 15.30 8.76 -30.86
CA SER D 206 15.51 10.20 -30.98
C SER D 206 14.34 10.81 -31.72
N GLY D 207 13.87 11.96 -31.24
CA GLY D 207 12.78 12.66 -31.90
C GLY D 207 11.41 12.31 -31.36
N THR D 208 10.73 11.39 -32.03
CA THR D 208 9.40 10.95 -31.63
C THR D 208 9.29 9.45 -31.37
N ASP D 209 10.02 8.62 -32.12
CA ASP D 209 9.95 7.17 -31.97
C ASP D 209 11.13 6.70 -31.13
N PHE D 210 10.84 6.06 -30.00
CA PHE D 210 11.86 5.55 -29.09
C PHE D 210 11.57 4.09 -28.77
N THR D 211 12.63 3.32 -28.56
CA THR D 211 12.47 1.88 -28.39
C THR D 211 13.34 1.38 -27.25
N LEU D 212 12.74 0.59 -26.36
CA LEU D 212 13.44 -0.07 -25.27
C LEU D 212 13.47 -1.56 -25.54
N THR D 213 14.64 -2.18 -25.39
CA THR D 213 14.85 -3.58 -25.74
C THR D 213 15.44 -4.34 -24.58
N ILE D 214 15.00 -5.58 -24.44
CA ILE D 214 15.51 -6.52 -23.45
C ILE D 214 16.00 -7.76 -24.20
N SER D 215 17.22 -8.19 -23.88
CA SER D 215 17.79 -9.42 -24.42
C SER D 215 17.96 -10.42 -23.29
N SER D 216 17.63 -11.68 -23.58
CA SER D 216 17.64 -12.75 -22.58
C SER D 216 16.84 -12.33 -21.34
N LEU D 217 15.53 -12.28 -21.55
CA LEU D 217 14.60 -11.82 -20.51
C LEU D 217 14.71 -12.67 -19.26
N GLN D 218 14.61 -12.03 -18.10
CA GLN D 218 14.75 -12.67 -16.80
C GLN D 218 13.43 -12.66 -16.03
N PRO D 219 13.29 -13.53 -15.03
CA PRO D 219 12.02 -13.57 -14.28
C PRO D 219 11.60 -12.24 -13.66
N GLU D 220 12.48 -11.59 -12.91
CA GLU D 220 12.15 -10.36 -12.19
C GLU D 220 11.87 -9.17 -13.10
N ASP D 221 11.99 -9.34 -14.42
CA ASP D 221 11.74 -8.25 -15.35
C ASP D 221 10.29 -8.16 -15.80
N PHE D 222 9.47 -9.17 -15.50
CA PHE D 222 8.06 -9.11 -15.85
C PHE D 222 7.35 -8.08 -15.00
N ALA D 223 7.29 -6.84 -15.49
CA ALA D 223 6.67 -5.74 -14.78
C ALA D 223 6.01 -4.83 -15.81
N THR D 224 5.59 -3.64 -15.38
CA THR D 224 5.06 -2.64 -16.28
C THR D 224 6.14 -1.59 -16.56
N TYR D 225 6.17 -1.11 -17.81
CA TYR D 225 7.21 -0.19 -18.25
C TYR D 225 6.56 1.07 -18.80
N TYR D 226 6.89 2.21 -18.23
CA TYR D 226 6.34 3.50 -18.65
C TYR D 226 7.44 4.38 -19.24
N CYS D 227 7.05 5.26 -20.15
CA CYS D 227 7.94 6.28 -20.67
C CYS D 227 7.42 7.67 -20.30
N GLN D 228 8.32 8.63 -20.29
CA GLN D 228 7.97 9.99 -19.89
C GLN D 228 8.86 10.98 -20.61
N GLN D 229 8.24 12.04 -21.13
CA GLN D 229 9.01 13.17 -21.64
C GLN D 229 9.58 13.96 -20.47
N TYR D 230 10.89 14.19 -20.49
CA TYR D 230 11.56 14.79 -19.35
C TYR D 230 12.76 15.61 -19.86
N GLY D 231 12.54 16.91 -20.01
CA GLY D 231 13.61 17.80 -20.43
C GLY D 231 13.17 19.08 -21.15
N VAL D 232 12.27 18.95 -22.12
CA VAL D 232 11.91 20.08 -22.97
C VAL D 232 10.69 20.82 -22.42
N TYR D 233 9.49 20.34 -22.76
CA TYR D 233 8.27 21.05 -22.45
C TYR D 233 7.74 20.66 -21.07
N TYR D 234 7.26 21.66 -20.33
CA TYR D 234 6.93 21.49 -18.92
C TYR D 234 5.74 20.56 -18.64
N PRO D 235 4.85 20.28 -19.61
CA PRO D 235 3.96 19.12 -19.44
C PRO D 235 4.74 17.81 -19.41
N PHE D 236 5.41 17.53 -18.30
CA PHE D 236 6.18 16.29 -18.16
C PHE D 236 5.24 15.10 -18.11
N THR D 237 4.67 14.74 -19.25
CA THR D 237 3.61 13.75 -19.32
C THR D 237 4.18 12.33 -19.36
N PHE D 238 3.46 11.41 -18.73
CA PHE D 238 3.81 10.00 -18.73
C PHE D 238 3.15 9.29 -19.89
N GLY D 239 3.65 8.10 -20.20
CA GLY D 239 3.02 7.24 -21.17
C GLY D 239 1.86 6.47 -20.56
N GLN D 240 1.22 5.67 -21.41
CA GLN D 240 0.11 4.86 -20.92
C GLN D 240 0.58 3.55 -20.30
N GLY D 241 1.74 3.06 -20.71
CA GLY D 241 2.31 1.88 -20.09
C GLY D 241 2.22 0.65 -20.99
N THR D 242 3.19 -0.25 -20.81
CA THR D 242 3.21 -1.54 -21.50
C THR D 242 3.39 -2.62 -20.45
N LYS D 243 2.37 -3.44 -20.25
CA LYS D 243 2.45 -4.55 -19.31
C LYS D 243 3.14 -5.73 -19.97
N LEU D 244 4.26 -6.15 -19.40
CA LEU D 244 5.02 -7.29 -19.90
C LEU D 244 4.73 -8.47 -18.98
N GLU D 245 3.75 -9.29 -19.36
CA GLU D 245 3.35 -10.44 -18.56
C GLU D 245 3.93 -11.72 -19.15
N ILE D 246 3.65 -12.82 -18.46
CA ILE D 246 4.28 -14.11 -18.71
C ILE D 246 3.46 -14.90 -19.73
N LYS D 247 4.15 -15.71 -20.51
CA LYS D 247 3.51 -16.52 -21.56
C LYS D 247 3.13 -17.89 -21.05
C1 NAG E . -25.78 -33.57 17.08
C2 NAG E . -27.15 -33.59 16.40
C3 NAG E . -27.01 -33.78 14.89
C4 NAG E . -26.07 -32.73 14.32
C5 NAG E . -24.74 -32.73 15.08
C6 NAG E . -23.81 -31.61 14.63
C7 NAG E . -29.20 -34.42 17.51
C8 NAG E . -29.91 -35.63 18.04
N2 NAG E . -27.99 -34.65 16.97
O3 NAG E . -28.29 -33.68 14.29
O4 NAG E . -25.82 -33.00 12.94
O5 NAG E . -24.97 -32.55 16.48
O6 NAG E . -24.51 -30.38 14.49
O7 NAG E . -29.69 -33.31 17.56
#